data_6RTI
#
_entry.id   6RTI
#
_cell.length_a   121.096
_cell.length_b   121.096
_cell.length_c   216.271
_cell.angle_alpha   90.000
_cell.angle_beta   90.000
_cell.angle_gamma   90.000
#
_symmetry.space_group_name_H-M   'P 41 21 2'
#
loop_
_entity.id
_entity.type
_entity.pdbx_description
1 polymer 'Glutamate carboxypeptidase 2'
2 polymer 'Aptamer A9g, RNA (43-MER)'
3 branched beta-D-mannopyranose-(1-4)-2-acetamido-2-deoxy-beta-D-glucopyranose-(1-4)-2-acetamido-2-deoxy-beta-D-glucopyranose
4 branched 2-acetamido-2-deoxy-beta-D-glucopyranose-(1-4)-2-acetamido-2-deoxy-beta-D-glucopyranose
5 branched alpha-D-mannopyranose-(1-3)-beta-D-mannopyranose-(1-4)-2-acetamido-2-deoxy-beta-D-glucopyranose-(1-4)-2-acetamido-2-deoxy-beta-D-glucopyranose
6 non-polymer 'ZINC ION'
7 non-polymer 'CHLORIDE ION'
8 non-polymer 'CALCIUM ION'
9 non-polymer '(2S)-2-(PHOSPHONOMETHYL)PENTANEDIOIC ACID'
10 non-polymer (4S)-2-METHYL-2,4-PENTANEDIOL
11 non-polymer 'ACETATE ION'
12 water water
#
loop_
_entity_poly.entity_id
_entity_poly.type
_entity_poly.pdbx_seq_one_letter_code
_entity_poly.pdbx_strand_id
1 'polypeptide(L)'
;KSSNEATNITPKHNMKAFLDELKAENIKKFLYNFTQIPHLAGTEQNFQLAKQIQSQWKEFGLDSVELAHYDVLLSYPNKT
HPNYISIINEDGNEIFNTSLFEPPPPGYENVSDIVPPFSAFSPQGMPEGDLVYVNYARTEDFFKLERDMKINCSGKIVIA
RYGKVFRGNKVKNAQLAGAKGVILYSDPADYFAPGVKSYPDGWNLPGGGVQRGNILNLNGAGDPLTPGYPANEYAYRRGI
AEAVGLPSIPVHPIGYYDAQKLLEKMGGSAPPDSSWRGSLKVPYNVGPGFTGNFSTQKVKMHIHSTNEVTRIYNVIGTLR
GAVEPDRYVILGGHRDSWVFGGIDPQSGAAVVHEIVRSFGTLKKEGWRPRRTILFASWDAEEFGLLGSTEWAEENSRLLQ
ERGVAYINADSSIEGNYTLRVDCTPLMYSLVHNLTKELKSPDEGFEGKSLYESWTKKSPSPEFSGMPRISKLGSGNDFEV
FFQRLGIASGRARYTKNWETNKFSGYPLYHSVYETYELVEKFYDPMFKYHLTVAQVRGGMVFELANSIVLPFDCRDYAVV
LRKYADKIYSISMKHPQEMKTYSVSFDSLFSAVKNFTEIASKFSERLQDFDKSNPIVLRMMNDQLMFLERAFIDPLGLPD
RPFYRHVIYAPSSHNKYAGESFPGIYDALFDIESKVDPSKAWGEVKRQIYVAAFTVQAAAETLSEVA
;
A
2 'polyribonucleotide'
;GGGA(CFZ)(CFZ)GAAAAAGA(CFZ)(CFZ)(UFT)GA(CFZ)(UFT)(UFT)(CFZ)(UFT)A(UFT)A(CFZ)
(UFT)AAG(UFT)(CFZ)(UFT)A(CFZ)G(UFT)(UFT)(CFZ)(CFZ)(CFZ)
;
X
#
# COMPACT_ATOMS: atom_id res chain seq x y z
N HIS A 13 -15.16 21.54 23.20
CA HIS A 13 -14.65 20.95 21.93
C HIS A 13 -15.52 19.75 21.57
N ASN A 14 -16.14 19.78 20.38
CA ASN A 14 -17.01 18.69 19.88
C ASN A 14 -16.17 17.45 19.53
N MET A 15 -14.84 17.61 19.35
CA MET A 15 -13.95 16.49 18.96
C MET A 15 -13.74 15.55 20.16
N LYS A 16 -13.50 16.12 21.35
CA LYS A 16 -13.28 15.34 22.60
C LYS A 16 -14.46 14.39 22.81
N ALA A 17 -15.67 14.92 22.65
CA ALA A 17 -16.93 14.15 22.75
C ALA A 17 -16.85 12.94 21.83
N PHE A 18 -16.37 13.15 20.59
CA PHE A 18 -16.23 12.08 19.57
C PHE A 18 -15.14 11.09 20.03
N LEU A 19 -13.95 11.60 20.39
CA LEU A 19 -12.78 10.77 20.79
C LEU A 19 -13.13 9.95 22.03
N ASP A 20 -13.79 10.55 23.03
CA ASP A 20 -14.13 9.88 24.33
C ASP A 20 -15.18 8.79 24.11
N GLU A 21 -15.91 8.82 22.99
CA GLU A 21 -16.92 7.75 22.70
C GLU A 21 -16.18 6.49 22.22
N LEU A 22 -14.99 6.62 21.62
CA LEU A 22 -14.18 5.48 21.08
C LEU A 22 -13.72 4.59 22.25
N LYS A 23 -13.98 3.28 22.16
CA LYS A 23 -13.70 2.29 23.24
C LYS A 23 -12.92 1.10 22.68
N ALA A 24 -11.75 0.82 23.27
CA ALA A 24 -10.89 -0.35 23.00
C ALA A 24 -11.68 -1.65 23.13
N GLU A 25 -12.59 -1.73 24.10
CA GLU A 25 -13.43 -2.95 24.33
C GLU A 25 -14.32 -3.20 23.10
N ASN A 26 -14.83 -2.14 22.48
CA ASN A 26 -15.68 -2.24 21.26
C ASN A 26 -14.79 -2.78 20.12
N ILE A 27 -13.59 -2.20 19.94
CA ILE A 27 -12.63 -2.59 18.86
C ILE A 27 -12.29 -4.07 19.04
N LYS A 28 -12.06 -4.51 20.27
CA LYS A 28 -11.73 -5.92 20.59
C LYS A 28 -12.85 -6.85 20.12
N LYS A 29 -14.09 -6.55 20.50
CA LYS A 29 -15.32 -7.32 20.13
C LYS A 29 -15.43 -7.40 18.60
N PHE A 30 -15.31 -6.27 17.91
CA PHE A 30 -15.48 -6.20 16.44
C PHE A 30 -14.37 -7.02 15.79
N LEU A 31 -13.14 -6.91 16.31
CA LEU A 31 -12.00 -7.67 15.74
C LEU A 31 -12.32 -9.16 15.84
N TYR A 32 -12.72 -9.63 17.02
CA TYR A 32 -13.12 -11.04 17.24
C TYR A 32 -14.18 -11.41 16.19
N ASN A 33 -15.22 -10.58 16.09
CA ASN A 33 -16.37 -10.81 15.17
C ASN A 33 -15.90 -10.96 13.71
N PHE A 34 -14.88 -10.22 13.28
CA PHE A 34 -14.47 -10.14 11.84
C PHE A 34 -13.43 -11.21 11.47
N THR A 35 -12.94 -12.04 12.39
CA THR A 35 -11.71 -12.85 12.17
C THR A 35 -11.88 -14.34 12.50
N GLN A 36 -13.12 -14.85 12.59
CA GLN A 36 -13.41 -16.25 13.03
C GLN A 36 -13.48 -17.17 11.80
N ILE A 37 -13.84 -16.65 10.63
CA ILE A 37 -13.86 -17.43 9.35
C ILE A 37 -13.14 -16.59 8.29
N PRO A 38 -12.57 -17.21 7.24
CA PRO A 38 -11.95 -16.43 6.17
C PRO A 38 -12.99 -15.56 5.47
N HIS A 39 -12.53 -14.41 4.94
CA HIS A 39 -13.33 -13.47 4.13
C HIS A 39 -12.58 -13.13 2.85
N LEU A 40 -12.18 -14.16 2.09
CA LEU A 40 -11.56 -14.00 0.74
C LEU A 40 -12.52 -13.27 -0.23
N ALA A 41 -11.97 -12.33 -1.01
CA ALA A 41 -12.70 -11.56 -2.03
C ALA A 41 -13.39 -12.54 -3.00
N GLY A 42 -14.67 -12.32 -3.27
CA GLY A 42 -15.43 -13.08 -4.27
C GLY A 42 -16.16 -14.27 -3.68
N THR A 43 -15.97 -14.55 -2.38
CA THR A 43 -16.59 -15.71 -1.69
C THR A 43 -17.84 -15.27 -0.95
N GLU A 44 -18.77 -16.20 -0.79
CA GLU A 44 -20.07 -16.00 -0.11
C GLU A 44 -19.82 -15.42 1.30
N GLN A 45 -18.75 -15.82 1.98
CA GLN A 45 -18.44 -15.41 3.37
C GLN A 45 -18.20 -13.90 3.44
N ASN A 46 -17.55 -13.34 2.41
CA ASN A 46 -17.19 -11.89 2.38
C ASN A 46 -18.43 -11.08 1.98
N PHE A 47 -19.30 -11.65 1.14
CA PHE A 47 -20.63 -11.08 0.84
C PHE A 47 -21.45 -11.01 2.15
N GLN A 48 -21.43 -12.09 2.93
CA GLN A 48 -22.20 -12.15 4.20
C GLN A 48 -21.68 -11.07 5.14
N LEU A 49 -20.36 -10.86 5.20
CA LEU A 49 -19.77 -9.87 6.12
C LEU A 49 -20.09 -8.45 5.61
N ALA A 50 -20.05 -8.24 4.29
CA ALA A 50 -20.51 -6.97 3.65
C ALA A 50 -21.92 -6.63 4.16
N LYS A 51 -22.84 -7.60 4.08
CA LYS A 51 -24.26 -7.37 4.43
C LYS A 51 -24.37 -7.09 5.94
N GLN A 52 -23.59 -7.78 6.75
CA GLN A 52 -23.54 -7.57 8.22
C GLN A 52 -23.13 -6.12 8.49
N ILE A 53 -22.08 -5.65 7.80
CA ILE A 53 -21.52 -4.29 8.05
C ILE A 53 -22.52 -3.24 7.59
N GLN A 54 -23.14 -3.43 6.43
CA GLN A 54 -24.21 -2.54 5.89
C GLN A 54 -25.29 -2.41 6.95
N SER A 55 -25.73 -3.55 7.48
CA SER A 55 -26.85 -3.60 8.46
C SER A 55 -26.44 -2.86 9.75
N GLN A 56 -25.22 -3.10 10.24
CA GLN A 56 -24.73 -2.47 11.49
C GLN A 56 -24.48 -0.96 11.32
N TRP A 57 -23.99 -0.52 10.16
CA TRP A 57 -23.74 0.92 9.93
C TRP A 57 -25.07 1.68 9.92
N LYS A 58 -26.14 1.06 9.38
CA LYS A 58 -27.51 1.63 9.45
C LYS A 58 -27.92 1.72 10.92
N GLU A 59 -27.91 0.58 11.64
CA GLU A 59 -28.24 0.54 13.09
CA GLU A 59 -28.20 0.49 13.09
C GLU A 59 -27.43 1.61 13.83
N PHE A 60 -26.13 1.77 13.52
CA PHE A 60 -25.24 2.74 14.22
C PHE A 60 -25.72 4.17 13.99
N GLY A 61 -26.45 4.41 12.89
CA GLY A 61 -27.17 5.67 12.66
C GLY A 61 -26.66 6.46 11.47
N LEU A 62 -26.05 5.80 10.48
CA LEU A 62 -25.65 6.48 9.22
C LEU A 62 -26.93 6.81 8.45
N ASP A 63 -26.91 7.88 7.66
CA ASP A 63 -28.08 8.34 6.87
C ASP A 63 -28.40 7.31 5.79
N SER A 64 -27.39 6.73 5.16
CA SER A 64 -27.61 5.64 4.18
C SER A 64 -26.36 4.76 4.07
N VAL A 65 -26.57 3.52 3.64
CA VAL A 65 -25.51 2.50 3.51
C VAL A 65 -25.92 1.61 2.33
N GLU A 66 -25.15 1.65 1.25
CA GLU A 66 -25.43 0.91 0.00
C GLU A 66 -24.28 -0.08 -0.20
N LEU A 67 -24.55 -1.18 -0.90
CA LEU A 67 -23.53 -2.09 -1.46
C LEU A 67 -23.27 -1.64 -2.88
N ALA A 68 -22.02 -1.35 -3.23
CA ALA A 68 -21.59 -1.06 -4.62
C ALA A 68 -20.84 -2.29 -5.12
N HIS A 69 -21.35 -2.94 -6.15
CA HIS A 69 -20.78 -4.21 -6.66
C HIS A 69 -20.11 -3.95 -8.02
N TYR A 70 -19.07 -4.74 -8.32
CA TYR A 70 -18.29 -4.70 -9.58
C TYR A 70 -18.01 -6.15 -9.95
N ASP A 71 -17.77 -6.43 -11.23
CA ASP A 71 -17.42 -7.79 -11.68
C ASP A 71 -15.99 -7.74 -12.21
N VAL A 72 -15.04 -8.17 -11.39
CA VAL A 72 -13.59 -7.97 -11.60
C VAL A 72 -12.93 -9.33 -11.76
N LEU A 73 -11.80 -9.36 -12.47
CA LEU A 73 -10.93 -10.56 -12.56
C LEU A 73 -10.34 -10.81 -11.16
N LEU A 74 -10.70 -11.95 -10.56
CA LEU A 74 -9.99 -12.52 -9.39
C LEU A 74 -9.26 -13.78 -9.85
N SER A 75 -8.52 -14.42 -8.93
CA SER A 75 -7.68 -15.61 -9.17
C SER A 75 -7.87 -16.59 -8.00
N TYR A 76 -8.11 -17.86 -8.30
CA TYR A 76 -8.27 -18.93 -7.28
C TYR A 76 -7.49 -20.17 -7.69
N PRO A 77 -6.86 -20.90 -6.71
CA PRO A 77 -6.31 -22.23 -6.98
C PRO A 77 -7.44 -23.21 -7.32
N ASN A 78 -7.13 -24.19 -8.17
CA ASN A 78 -8.05 -25.31 -8.49
C ASN A 78 -8.00 -26.32 -7.32
N LYS A 79 -9.17 -26.57 -6.73
CA LYS A 79 -9.36 -27.39 -5.50
CA LYS A 79 -9.34 -27.39 -5.49
C LYS A 79 -9.08 -28.87 -5.79
N THR A 80 -9.29 -29.29 -7.03
CA THR A 80 -9.14 -30.72 -7.44
C THR A 80 -7.98 -30.80 -8.44
N HIS A 81 -6.95 -30.00 -8.24
CA HIS A 81 -5.67 -30.04 -9.00
C HIS A 81 -4.68 -29.09 -8.32
N PRO A 82 -4.31 -29.36 -7.05
CA PRO A 82 -3.52 -28.42 -6.25
C PRO A 82 -2.18 -27.96 -6.86
N ASN A 83 -1.73 -26.78 -6.41
CA ASN A 83 -0.41 -26.20 -6.78
C ASN A 83 0.64 -26.80 -5.86
N TYR A 84 1.79 -27.17 -6.42
CA TYR A 84 2.97 -27.65 -5.65
C TYR A 84 4.22 -27.50 -6.52
N ILE A 85 5.40 -27.48 -5.89
CA ILE A 85 6.72 -27.48 -6.56
C ILE A 85 7.42 -28.81 -6.22
N SER A 86 8.24 -29.31 -7.14
CA SER A 86 8.95 -30.61 -7.02
C SER A 86 10.43 -30.44 -7.34
N ILE A 87 11.29 -31.11 -6.55
CA ILE A 87 12.62 -31.58 -7.06
C ILE A 87 12.37 -32.89 -7.80
N ILE A 88 12.85 -32.97 -9.05
CA ILE A 88 12.55 -34.07 -10.02
C ILE A 88 13.86 -34.55 -10.64
N ASN A 89 14.11 -35.87 -10.59
CA ASN A 89 15.33 -36.50 -11.20
C ASN A 89 15.07 -36.68 -12.70
N GLU A 90 16.11 -37.02 -13.46
CA GLU A 90 16.08 -37.14 -14.95
C GLU A 90 15.19 -38.31 -15.39
N ASP A 91 14.88 -39.25 -14.47
CA ASP A 91 13.89 -40.33 -14.70
C ASP A 91 12.47 -39.76 -14.61
N GLY A 92 12.33 -38.55 -14.06
CA GLY A 92 11.03 -37.86 -13.88
C GLY A 92 10.34 -38.27 -12.60
N ASN A 93 11.09 -38.73 -11.60
CA ASN A 93 10.54 -39.08 -10.26
C ASN A 93 10.56 -37.80 -9.39
N GLU A 94 9.40 -37.43 -8.86
CA GLU A 94 9.25 -36.26 -7.95
C GLU A 94 9.67 -36.71 -6.55
N ILE A 95 10.95 -36.48 -6.21
CA ILE A 95 11.64 -37.01 -4.99
C ILE A 95 11.33 -36.11 -3.79
N PHE A 96 11.02 -34.83 -4.04
CA PHE A 96 10.60 -33.86 -2.99
C PHE A 96 9.42 -33.02 -3.52
N ASN A 97 8.39 -32.88 -2.70
CA ASN A 97 7.19 -32.03 -3.00
C ASN A 97 7.08 -30.96 -1.92
N THR A 98 6.69 -29.74 -2.33
CA THR A 98 6.37 -28.64 -1.39
C THR A 98 4.98 -28.91 -0.83
N SER A 99 4.70 -28.39 0.36
CA SER A 99 3.39 -28.39 1.05
C SER A 99 2.24 -28.10 0.09
N LEU A 100 1.06 -28.68 0.37
CA LEU A 100 -0.22 -28.39 -0.33
C LEU A 100 -1.06 -27.42 0.49
N PHE A 101 -0.74 -27.21 1.77
CA PHE A 101 -1.47 -26.27 2.65
C PHE A 101 -0.62 -25.96 3.88
N GLU A 102 -0.90 -24.84 4.55
CA GLU A 102 -0.26 -24.51 5.84
C GLU A 102 -0.83 -25.45 6.92
N PRO A 103 0.01 -26.06 7.78
CA PRO A 103 -0.50 -26.77 8.96
C PRO A 103 -1.40 -25.83 9.77
N PRO A 104 -2.71 -26.12 9.92
CA PRO A 104 -3.62 -25.19 10.59
C PRO A 104 -3.22 -24.99 12.04
N PRO A 105 -3.50 -23.83 12.65
CA PRO A 105 -3.15 -23.61 14.07
C PRO A 105 -4.19 -24.16 15.04
N PRO A 106 -3.82 -24.36 16.34
CA PRO A 106 -4.76 -24.75 17.38
C PRO A 106 -6.14 -24.05 17.35
N GLY A 107 -7.21 -24.86 17.30
CA GLY A 107 -8.61 -24.37 17.31
C GLY A 107 -9.07 -23.86 15.95
N TYR A 108 -8.33 -24.21 14.88
CA TYR A 108 -8.65 -23.83 13.47
C TYR A 108 -8.51 -25.06 12.56
N GLU A 109 -8.31 -26.24 13.15
CA GLU A 109 -8.14 -27.55 12.47
C GLU A 109 -9.43 -27.92 11.72
N ASN A 110 -10.60 -27.51 12.23
CA ASN A 110 -11.93 -27.92 11.71
C ASN A 110 -12.48 -26.82 10.80
N VAL A 111 -11.68 -25.79 10.48
CA VAL A 111 -12.14 -24.64 9.65
C VAL A 111 -11.92 -24.96 8.17
N SER A 112 -13.01 -24.94 7.40
CA SER A 112 -13.01 -25.15 5.94
C SER A 112 -12.82 -23.82 5.20
N ASP A 113 -12.53 -23.89 3.91
CA ASP A 113 -12.50 -22.73 2.99
C ASP A 113 -11.30 -21.84 3.33
N ILE A 114 -10.24 -22.39 3.94
CA ILE A 114 -8.92 -21.70 3.99
C ILE A 114 -8.26 -21.92 2.63
N VAL A 115 -8.11 -20.85 1.84
CA VAL A 115 -7.44 -20.93 0.52
C VAL A 115 -6.00 -21.37 0.77
N PRO A 116 -5.50 -22.44 0.11
CA PRO A 116 -4.10 -22.82 0.23
C PRO A 116 -3.18 -21.69 -0.22
N PRO A 117 -1.92 -21.60 0.26
CA PRO A 117 -0.94 -20.66 -0.31
C PRO A 117 -0.93 -20.73 -1.84
N PHE A 118 -0.94 -19.56 -2.48
CA PHE A 118 -0.86 -19.39 -3.95
C PHE A 118 -0.51 -17.93 -4.26
N SER A 119 0.07 -17.71 -5.42
CA SER A 119 0.29 -16.36 -5.98
C SER A 119 -0.87 -16.01 -6.93
N ALA A 120 -1.78 -15.14 -6.49
CA ALA A 120 -2.96 -14.68 -7.26
C ALA A 120 -2.53 -14.10 -8.62
N PHE A 121 -3.18 -14.61 -9.69
CA PHE A 121 -3.09 -14.18 -11.11
C PHE A 121 -1.87 -14.83 -11.77
N SER A 122 -1.24 -15.80 -11.11
CA SER A 122 -0.28 -16.69 -11.80
C SER A 122 -0.98 -17.33 -12.99
N PRO A 123 -0.31 -17.40 -14.16
CA PRO A 123 -0.80 -18.23 -15.24
C PRO A 123 -0.63 -19.70 -14.86
N GLN A 124 -1.28 -20.58 -15.62
CA GLN A 124 -1.11 -22.06 -15.53
C GLN A 124 0.24 -22.43 -16.16
N GLY A 125 0.85 -23.50 -15.66
CA GLY A 125 2.16 -23.99 -16.14
C GLY A 125 2.68 -25.17 -15.33
N MET A 126 3.45 -26.03 -16.00
CA MET A 126 4.23 -27.15 -15.40
C MET A 126 5.68 -27.03 -15.88
N PRO A 127 6.30 -25.83 -15.78
CA PRO A 127 7.68 -25.65 -16.26
C PRO A 127 8.69 -26.41 -15.37
N GLU A 128 9.72 -26.95 -15.99
CA GLU A 128 10.79 -27.73 -15.33
C GLU A 128 12.12 -27.16 -15.79
N GLY A 129 13.08 -26.96 -14.89
CA GLY A 129 14.38 -26.39 -15.29
C GLY A 129 15.31 -26.18 -14.12
N ASP A 130 16.45 -25.53 -14.37
CA ASP A 130 17.51 -25.26 -13.36
C ASP A 130 17.12 -24.05 -12.54
N LEU A 131 17.39 -24.12 -11.24
CA LEU A 131 17.08 -23.07 -10.26
C LEU A 131 18.21 -22.04 -10.26
N VAL A 132 17.88 -20.74 -10.29
CA VAL A 132 18.81 -19.63 -10.01
C VAL A 132 18.28 -18.84 -8.81
N TYR A 133 19.09 -18.64 -7.78
CA TYR A 133 18.76 -17.81 -6.58
C TYR A 133 19.10 -16.36 -6.93
N VAL A 134 18.11 -15.46 -6.76
CA VAL A 134 18.17 -14.06 -7.27
C VAL A 134 17.93 -13.09 -6.10
N ASN A 135 18.10 -13.57 -4.87
CA ASN A 135 18.04 -12.74 -3.64
C ASN A 135 16.59 -12.23 -3.50
N TYR A 136 16.38 -10.91 -3.43
CA TYR A 136 15.05 -10.27 -3.27
C TYR A 136 14.37 -10.04 -4.62
N ALA A 137 15.08 -10.37 -5.71
CA ALA A 137 14.60 -10.22 -7.11
C ALA A 137 14.32 -8.74 -7.41
N ARG A 138 15.02 -7.83 -6.72
CA ARG A 138 15.04 -6.38 -7.01
C ARG A 138 15.78 -6.12 -8.31
N THR A 139 15.55 -4.96 -8.92
CA THR A 139 16.23 -4.50 -10.16
C THR A 139 17.76 -4.60 -9.97
N GLU A 140 18.27 -4.16 -8.82
CA GLU A 140 19.73 -4.13 -8.50
C GLU A 140 20.28 -5.55 -8.31
N ASP A 141 19.45 -6.52 -7.92
CA ASP A 141 19.85 -7.95 -7.73
C ASP A 141 20.05 -8.60 -9.10
N PHE A 142 19.29 -8.17 -10.11
CA PHE A 142 19.40 -8.68 -11.50
C PHE A 142 20.53 -7.92 -12.23
N PHE A 143 20.77 -6.65 -11.90
CA PHE A 143 21.96 -5.88 -12.34
C PHE A 143 23.23 -6.59 -11.81
N LYS A 144 23.19 -7.00 -10.54
CA LYS A 144 24.33 -7.71 -9.89
C LYS A 144 24.49 -9.07 -10.56
N LEU A 145 23.40 -9.82 -10.73
CA LEU A 145 23.44 -11.16 -11.37
C LEU A 145 24.02 -11.07 -12.79
N GLU A 146 23.51 -10.14 -13.61
CA GLU A 146 23.69 -10.19 -15.08
C GLU A 146 24.88 -9.31 -15.51
N ARG A 147 25.05 -8.13 -14.91
CA ARG A 147 26.14 -7.19 -15.28
C ARG A 147 27.44 -7.59 -14.57
N ASP A 148 27.43 -7.84 -13.26
CA ASP A 148 28.65 -8.12 -12.46
C ASP A 148 29.05 -9.59 -12.60
N MET A 149 28.16 -10.53 -12.30
CA MET A 149 28.47 -11.98 -12.13
C MET A 149 28.22 -12.76 -13.44
N LYS A 150 27.85 -12.08 -14.53
CA LYS A 150 27.61 -12.69 -15.88
C LYS A 150 26.80 -13.99 -15.79
N ILE A 151 25.80 -14.06 -14.91
CA ILE A 151 24.83 -15.19 -14.84
C ILE A 151 23.54 -14.76 -15.57
N ASN A 152 22.95 -15.71 -16.29
CA ASN A 152 21.91 -15.50 -17.32
C ASN A 152 20.68 -16.32 -16.93
N CYS A 153 19.64 -15.67 -16.40
CA CYS A 153 18.41 -16.32 -15.87
C CYS A 153 17.51 -16.82 -17.00
N SER A 154 17.90 -16.59 -18.26
CA SER A 154 17.10 -16.96 -19.44
C SER A 154 16.78 -18.45 -19.40
N GLY A 155 15.49 -18.82 -19.42
CA GLY A 155 15.02 -20.21 -19.44
C GLY A 155 15.15 -20.90 -18.09
N LYS A 156 15.64 -20.21 -17.06
CA LYS A 156 15.84 -20.78 -15.69
C LYS A 156 14.65 -20.45 -14.80
N ILE A 157 14.34 -21.32 -13.83
CA ILE A 157 13.37 -21.05 -12.74
C ILE A 157 14.11 -20.25 -11.67
N VAL A 158 13.60 -19.07 -11.28
CA VAL A 158 14.29 -18.21 -10.27
C VAL A 158 13.60 -18.46 -8.93
N ILE A 159 14.39 -18.52 -7.87
CA ILE A 159 13.89 -18.59 -6.48
C ILE A 159 14.32 -17.28 -5.81
N ALA A 160 13.39 -16.61 -5.15
CA ALA A 160 13.60 -15.27 -4.57
C ALA A 160 13.00 -15.22 -3.16
N ARG A 161 13.69 -14.56 -2.23
CA ARG A 161 13.10 -14.34 -0.88
C ARG A 161 12.15 -13.12 -0.93
N TYR A 162 11.00 -13.26 -0.31
CA TYR A 162 10.08 -12.14 0.03
C TYR A 162 10.86 -11.05 0.76
N GLY A 163 10.41 -9.79 0.57
CA GLY A 163 10.90 -8.61 1.32
C GLY A 163 11.51 -7.55 0.42
N LYS A 164 11.71 -6.36 0.99
CA LYS A 164 12.27 -5.14 0.35
C LYS A 164 11.25 -4.51 -0.59
N VAL A 165 10.74 -5.28 -1.55
CA VAL A 165 9.90 -4.76 -2.67
C VAL A 165 8.61 -5.58 -2.82
N PHE A 166 7.60 -4.94 -3.40
CA PHE A 166 6.33 -5.59 -3.74
C PHE A 166 6.65 -6.80 -4.63
N ARG A 167 6.05 -7.94 -4.30
CA ARG A 167 6.32 -9.26 -4.92
C ARG A 167 6.03 -9.18 -6.43
N GLY A 168 5.05 -8.36 -6.83
CA GLY A 168 4.68 -8.20 -8.25
C GLY A 168 5.84 -7.64 -9.06
N ASN A 169 6.54 -6.66 -8.51
CA ASN A 169 7.79 -6.12 -9.09
C ASN A 169 8.84 -7.23 -9.22
N LYS A 170 9.00 -8.11 -8.22
CA LYS A 170 9.95 -9.26 -8.27
C LYS A 170 9.63 -10.10 -9.50
N VAL A 171 8.37 -10.47 -9.69
CA VAL A 171 7.92 -11.32 -10.83
C VAL A 171 8.22 -10.59 -12.16
N LYS A 172 8.00 -9.27 -12.20
CA LYS A 172 8.21 -8.43 -13.42
C LYS A 172 9.70 -8.45 -13.78
N ASN A 173 10.56 -8.17 -12.79
CA ASN A 173 12.04 -8.16 -12.94
C ASN A 173 12.50 -9.53 -13.45
N ALA A 174 11.93 -10.61 -12.91
CA ALA A 174 12.24 -12.01 -13.28
C ALA A 174 11.89 -12.24 -14.76
N GLN A 175 10.67 -11.89 -15.17
CA GLN A 175 10.18 -12.00 -16.58
C GLN A 175 11.12 -11.27 -17.52
N LEU A 176 11.53 -10.04 -17.20
CA LEU A 176 12.42 -9.23 -18.06
C LEU A 176 13.80 -9.89 -18.17
N ALA A 177 14.21 -10.68 -17.17
CA ALA A 177 15.50 -11.41 -17.15
C ALA A 177 15.39 -12.75 -17.89
N GLY A 178 14.20 -13.13 -18.37
CA GLY A 178 14.02 -14.34 -19.20
C GLY A 178 13.64 -15.59 -18.41
N ALA A 179 13.44 -15.46 -17.10
CA ALA A 179 13.02 -16.59 -16.22
C ALA A 179 11.71 -17.19 -16.77
N LYS A 180 11.49 -18.50 -16.58
CA LYS A 180 10.24 -19.20 -17.00
C LYS A 180 9.43 -19.63 -15.77
N GLY A 181 9.87 -19.22 -14.58
CA GLY A 181 9.19 -19.56 -13.32
C GLY A 181 9.77 -18.75 -12.19
N VAL A 182 8.94 -18.45 -11.19
CA VAL A 182 9.41 -17.74 -9.97
C VAL A 182 8.90 -18.52 -8.77
N ILE A 183 9.81 -18.83 -7.86
CA ILE A 183 9.52 -19.41 -6.53
C ILE A 183 9.82 -18.31 -5.51
N LEU A 184 8.81 -17.93 -4.74
CA LEU A 184 8.93 -16.92 -3.65
C LEU A 184 8.98 -17.67 -2.33
N TYR A 185 9.90 -17.32 -1.41
CA TYR A 185 9.93 -17.93 -0.07
C TYR A 185 10.21 -16.86 1.00
N SER A 186 9.72 -17.10 2.21
CA SER A 186 9.97 -16.25 3.40
C SER A 186 11.25 -16.75 4.09
N ASP A 187 12.36 -16.01 4.01
CA ASP A 187 13.63 -16.34 4.72
C ASP A 187 13.53 -15.87 6.17
N PRO A 188 14.01 -16.69 7.14
CA PRO A 188 13.98 -16.32 8.56
C PRO A 188 14.69 -14.98 8.80
N ALA A 189 15.71 -14.66 7.99
CA ALA A 189 16.41 -13.37 8.06
C ALA A 189 15.37 -12.24 8.04
N ASP A 190 14.29 -12.43 7.29
CA ASP A 190 13.29 -11.37 6.99
C ASP A 190 12.00 -11.57 7.78
N TYR A 191 11.67 -12.81 8.19
CA TYR A 191 10.33 -13.15 8.74
C TYR A 191 10.42 -13.94 10.06
N PHE A 192 11.57 -13.93 10.73
CA PHE A 192 11.78 -14.59 12.06
C PHE A 192 12.60 -13.66 12.94
N ALA A 193 11.94 -12.96 13.87
CA ALA A 193 12.59 -12.02 14.80
C ALA A 193 13.46 -12.81 15.77
N PRO A 194 14.67 -12.30 16.11
CA PRO A 194 15.60 -13.07 16.95
C PRO A 194 15.02 -13.24 18.37
N GLY A 195 15.05 -14.48 18.86
CA GLY A 195 14.65 -14.84 20.23
C GLY A 195 13.19 -14.54 20.53
N VAL A 196 12.28 -14.70 19.57
CA VAL A 196 10.82 -14.91 19.82
C VAL A 196 10.42 -16.21 19.10
N LYS A 197 9.35 -16.84 19.59
CA LYS A 197 8.96 -18.22 19.20
C LYS A 197 7.99 -18.19 18.03
N SER A 198 7.99 -19.24 17.22
CA SER A 198 6.97 -19.50 16.18
C SER A 198 5.57 -19.48 16.80
N TYR A 199 4.59 -18.99 16.02
CA TYR A 199 3.15 -19.20 16.32
C TYR A 199 2.94 -20.70 16.54
N PRO A 200 2.13 -21.14 17.53
CA PRO A 200 1.34 -20.25 18.40
C PRO A 200 1.97 -19.76 19.71
N ASP A 201 3.27 -19.97 19.92
CA ASP A 201 3.92 -19.65 21.22
C ASP A 201 4.51 -18.24 21.16
N GLY A 202 4.50 -17.62 19.98
CA GLY A 202 4.90 -16.22 19.77
C GLY A 202 4.39 -15.71 18.44
N TRP A 203 4.97 -14.62 17.94
CA TRP A 203 4.45 -13.90 16.75
C TRP A 203 5.35 -14.12 15.53
N ASN A 204 6.25 -15.12 15.58
CA ASN A 204 7.20 -15.44 14.48
C ASN A 204 6.59 -16.47 13.53
N LEU A 205 7.10 -16.50 12.29
CA LEU A 205 6.62 -17.40 11.21
C LEU A 205 7.25 -18.77 11.40
N PRO A 206 6.43 -19.85 11.54
CA PRO A 206 6.97 -21.21 11.50
C PRO A 206 7.43 -21.60 10.09
N GLY A 207 8.21 -22.68 9.97
CA GLY A 207 8.84 -23.14 8.71
C GLY A 207 7.84 -23.63 7.68
N GLY A 208 6.61 -23.92 8.11
CA GLY A 208 5.51 -24.32 7.22
C GLY A 208 4.60 -23.14 6.85
N GLY A 209 4.87 -21.96 7.41
CA GLY A 209 4.07 -20.75 7.14
C GLY A 209 4.37 -20.18 5.78
N VAL A 210 3.35 -19.72 5.06
CA VAL A 210 3.48 -19.12 3.70
C VAL A 210 2.70 -17.80 3.60
N GLN A 211 3.36 -16.76 3.06
CA GLN A 211 2.75 -15.46 2.67
C GLN A 211 2.05 -15.61 1.33
N ARG A 212 0.73 -15.59 1.33
CA ARG A 212 -0.09 -15.43 0.10
C ARG A 212 0.11 -14.01 -0.45
N GLY A 213 -0.40 -13.76 -1.67
CA GLY A 213 -0.44 -12.39 -2.21
C GLY A 213 -0.47 -12.34 -3.72
N ASN A 214 -1.06 -11.27 -4.27
CA ASN A 214 -1.18 -11.04 -5.72
C ASN A 214 0.18 -10.63 -6.28
N ILE A 215 0.40 -10.91 -7.56
CA ILE A 215 1.68 -10.62 -8.25
C ILE A 215 1.41 -9.82 -9.55
N LEU A 216 0.37 -8.97 -9.55
CA LEU A 216 0.07 -8.07 -10.70
C LEU A 216 1.06 -6.90 -10.77
N ASN A 217 1.19 -6.29 -11.94
CA ASN A 217 1.80 -4.96 -12.20
C ASN A 217 0.75 -4.05 -12.84
N LEU A 218 -0.21 -3.60 -12.05
CA LEU A 218 -1.35 -2.78 -12.52
C LEU A 218 -0.93 -1.33 -12.81
N ASN A 219 0.07 -0.80 -12.12
CA ASN A 219 0.44 0.63 -12.14
C ASN A 219 -0.80 1.51 -12.03
N GLY A 220 -1.73 1.16 -11.13
CA GLY A 220 -2.91 1.96 -10.78
C GLY A 220 -4.13 1.72 -11.65
N ALA A 221 -4.13 0.73 -12.56
CA ALA A 221 -5.24 0.48 -13.51
C ALA A 221 -6.52 -0.01 -12.81
N GLY A 222 -6.39 -0.65 -11.64
CA GLY A 222 -7.49 -1.40 -11.01
C GLY A 222 -7.75 -2.69 -11.76
N ASP A 223 -9.02 -3.09 -11.89
CA ASP A 223 -9.41 -4.34 -12.61
C ASP A 223 -8.64 -4.43 -13.91
N PRO A 224 -7.83 -5.49 -14.14
CA PRO A 224 -7.08 -5.67 -15.38
C PRO A 224 -7.90 -5.61 -16.69
N LEU A 225 -9.21 -5.92 -16.64
CA LEU A 225 -10.08 -6.05 -17.86
C LEU A 225 -10.72 -4.72 -18.27
N THR A 226 -10.82 -3.73 -17.37
CA THR A 226 -11.60 -2.50 -17.57
C THR A 226 -10.84 -1.25 -17.13
N PRO A 227 -9.58 -1.05 -17.59
CA PRO A 227 -8.81 0.13 -17.19
C PRO A 227 -9.48 1.44 -17.61
N GLY A 228 -9.71 2.35 -16.64
CA GLY A 228 -10.26 3.70 -16.88
C GLY A 228 -11.73 3.78 -16.53
N TYR A 229 -12.44 2.63 -16.52
CA TYR A 229 -13.92 2.60 -16.41
C TYR A 229 -14.37 1.54 -15.44
N PRO A 230 -15.47 1.78 -14.67
CA PRO A 230 -15.93 0.82 -13.67
C PRO A 230 -16.40 -0.50 -14.30
N ALA A 231 -16.11 -1.62 -13.61
CA ALA A 231 -16.47 -2.98 -14.08
C ALA A 231 -17.95 -3.23 -13.76
N ASN A 232 -18.84 -2.50 -14.43
CA ASN A 232 -20.30 -2.51 -14.19
C ASN A 232 -20.93 -3.60 -15.06
N GLU A 233 -22.26 -3.71 -15.07
CA GLU A 233 -23.00 -4.83 -15.69
C GLU A 233 -22.81 -4.82 -17.22
N TYR A 234 -22.50 -3.69 -17.83
CA TYR A 234 -22.43 -3.55 -19.31
C TYR A 234 -21.01 -3.24 -19.77
N ALA A 235 -20.02 -3.29 -18.87
CA ALA A 235 -18.61 -3.00 -19.20
C ALA A 235 -18.17 -3.80 -20.42
N TYR A 236 -17.38 -3.19 -21.31
CA TYR A 236 -16.61 -3.91 -22.36
C TYR A 236 -15.27 -4.32 -21.76
N ARG A 237 -15.00 -5.61 -21.75
CA ARG A 237 -13.77 -6.19 -21.15
C ARG A 237 -12.78 -6.56 -22.23
N ARG A 238 -11.53 -6.20 -21.99
CA ARG A 238 -10.37 -6.68 -22.77
C ARG A 238 -10.33 -8.20 -22.74
N GLY A 239 -9.86 -8.79 -23.83
CA GLY A 239 -9.36 -10.18 -23.83
C GLY A 239 -8.29 -10.34 -22.76
N ILE A 240 -8.29 -11.49 -22.09
CA ILE A 240 -7.26 -11.90 -21.09
C ILE A 240 -5.87 -11.63 -21.67
N ALA A 241 -5.69 -11.81 -22.98
CA ALA A 241 -4.40 -11.63 -23.68
C ALA A 241 -3.90 -10.19 -23.55
N GLU A 242 -4.78 -9.18 -23.56
CA GLU A 242 -4.38 -7.75 -23.44
C GLU A 242 -4.80 -7.14 -22.09
N ALA A 243 -5.24 -7.96 -21.13
CA ALA A 243 -5.51 -7.54 -19.73
C ALA A 243 -4.25 -6.90 -19.12
N VAL A 244 -4.45 -5.89 -18.25
CA VAL A 244 -3.36 -5.01 -17.70
C VAL A 244 -2.64 -5.76 -16.57
N GLY A 245 -1.31 -5.89 -16.67
CA GLY A 245 -0.40 -6.27 -15.57
C GLY A 245 -0.48 -7.74 -15.16
N LEU A 246 -0.94 -8.63 -16.04
CA LEU A 246 -0.94 -10.09 -15.78
C LEU A 246 0.47 -10.61 -15.97
N PRO A 247 1.00 -11.45 -15.04
CA PRO A 247 2.32 -12.05 -15.23
C PRO A 247 2.26 -13.15 -16.29
N SER A 248 3.36 -13.38 -16.99
CA SER A 248 3.45 -14.29 -18.16
C SER A 248 4.17 -15.61 -17.83
N ILE A 249 4.63 -15.79 -16.59
CA ILE A 249 5.32 -17.04 -16.11
C ILE A 249 4.71 -17.49 -14.78
N PRO A 250 4.71 -18.81 -14.47
CA PRO A 250 4.13 -19.30 -13.22
C PRO A 250 4.93 -18.91 -11.98
N VAL A 251 4.20 -18.70 -10.87
CA VAL A 251 4.75 -18.16 -9.59
C VAL A 251 4.05 -18.87 -8.44
N HIS A 252 4.79 -19.21 -7.39
CA HIS A 252 4.24 -19.93 -6.20
C HIS A 252 5.06 -19.58 -4.96
N PRO A 253 4.37 -19.34 -3.81
CA PRO A 253 5.05 -19.06 -2.56
C PRO A 253 5.17 -20.30 -1.66
N ILE A 254 6.30 -20.40 -0.94
CA ILE A 254 6.59 -21.52 -0.01
C ILE A 254 7.21 -20.96 1.28
N GLY A 255 7.15 -21.76 2.36
CA GLY A 255 7.81 -21.47 3.65
C GLY A 255 9.28 -21.82 3.62
N TYR A 256 10.00 -21.63 4.74
CA TYR A 256 11.48 -21.83 4.76
C TYR A 256 11.83 -23.31 4.97
N TYR A 257 10.97 -24.16 5.54
CA TYR A 257 11.25 -25.61 5.54
C TYR A 257 11.40 -26.06 4.08
N ASP A 258 10.37 -25.84 3.26
CA ASP A 258 10.34 -26.22 1.83
C ASP A 258 11.49 -25.52 1.09
N ALA A 259 11.80 -24.28 1.44
CA ALA A 259 12.81 -23.47 0.74
C ALA A 259 14.22 -24.04 1.00
N GLN A 260 14.47 -24.53 2.22
CA GLN A 260 15.79 -25.14 2.58
C GLN A 260 16.05 -26.35 1.67
N LYS A 261 15.01 -27.17 1.43
CA LYS A 261 15.11 -28.38 0.55
C LYS A 261 15.56 -27.94 -0.85
N LEU A 262 14.97 -26.87 -1.40
CA LEU A 262 15.28 -26.38 -2.77
C LEU A 262 16.66 -25.71 -2.80
N LEU A 263 17.09 -25.07 -1.72
CA LEU A 263 18.29 -24.19 -1.70
C LEU A 263 19.55 -24.98 -1.33
N GLU A 264 19.43 -26.07 -0.56
CA GLU A 264 20.59 -26.79 0.04
C GLU A 264 21.47 -27.40 -1.07
N LYS A 265 20.88 -27.86 -2.18
CA LYS A 265 21.61 -28.56 -3.27
C LYS A 265 22.20 -27.57 -4.29
N MET A 266 22.10 -26.26 -4.09
CA MET A 266 22.47 -25.23 -5.12
C MET A 266 23.99 -25.26 -5.38
N GLY A 267 24.37 -25.26 -6.66
CA GLY A 267 25.78 -25.19 -7.12
C GLY A 267 26.13 -23.83 -7.68
N GLY A 268 26.95 -23.80 -8.73
CA GLY A 268 27.42 -22.56 -9.38
C GLY A 268 28.11 -21.62 -8.40
N SER A 269 28.10 -20.31 -8.69
CA SER A 269 28.88 -19.27 -7.98
C SER A 269 28.38 -19.10 -6.54
N ALA A 270 29.30 -18.80 -5.62
CA ALA A 270 28.98 -18.40 -4.24
C ALA A 270 28.20 -17.09 -4.29
N PRO A 271 27.47 -16.75 -3.21
CA PRO A 271 26.85 -15.42 -3.12
C PRO A 271 27.92 -14.33 -3.17
N PRO A 272 27.69 -13.21 -3.90
CA PRO A 272 28.69 -12.16 -4.02
C PRO A 272 29.10 -11.54 -2.68
N ASP A 273 28.16 -11.43 -1.73
CA ASP A 273 28.44 -10.76 -0.44
C ASP A 273 27.33 -11.05 0.57
N SER A 274 27.43 -10.44 1.75
CA SER A 274 26.51 -10.63 2.90
C SER A 274 25.07 -10.23 2.56
N SER A 275 24.85 -9.28 1.64
CA SER A 275 23.51 -8.77 1.25
C SER A 275 22.70 -9.87 0.56
N TRP A 276 23.36 -10.93 0.10
CA TRP A 276 22.73 -12.09 -0.60
C TRP A 276 22.53 -13.29 0.33
N ARG A 277 22.98 -13.21 1.59
CA ARG A 277 22.95 -14.34 2.56
C ARG A 277 21.72 -14.18 3.45
N GLY A 278 20.82 -15.16 3.44
CA GLY A 278 19.78 -15.29 4.46
C GLY A 278 20.29 -15.97 5.73
N SER A 279 19.37 -16.53 6.50
CA SER A 279 19.61 -17.08 7.86
C SER A 279 19.36 -18.59 7.89
N LEU A 280 19.01 -19.21 6.77
CA LEU A 280 18.98 -20.70 6.68
C LEU A 280 20.43 -21.20 6.66
N LYS A 281 20.65 -22.43 7.14
CA LYS A 281 21.97 -23.11 7.11
C LYS A 281 22.10 -23.76 5.73
N VAL A 282 22.26 -22.91 4.71
CA VAL A 282 22.57 -23.29 3.30
C VAL A 282 23.64 -22.32 2.82
N PRO A 283 24.41 -22.62 1.75
CA PRO A 283 25.45 -21.69 1.28
C PRO A 283 24.95 -20.39 0.63
N TYR A 284 23.69 -20.38 0.18
CA TYR A 284 23.05 -19.31 -0.65
C TYR A 284 23.83 -19.13 -1.95
N ASN A 285 24.24 -20.25 -2.55
CA ASN A 285 24.84 -20.24 -3.90
C ASN A 285 23.76 -19.77 -4.88
N VAL A 286 24.21 -19.23 -6.01
CA VAL A 286 23.37 -18.50 -7.01
C VAL A 286 22.91 -19.49 -8.08
N GLY A 287 23.66 -20.56 -8.29
CA GLY A 287 23.45 -21.51 -9.39
C GLY A 287 24.12 -20.99 -10.67
N PRO A 288 23.64 -21.37 -11.87
CA PRO A 288 22.41 -22.15 -12.02
C PRO A 288 22.54 -23.63 -11.68
N GLY A 289 21.45 -24.23 -11.21
CA GLY A 289 21.31 -25.69 -10.99
C GLY A 289 21.95 -26.12 -9.69
N PHE A 290 22.02 -27.44 -9.48
CA PHE A 290 22.50 -28.09 -8.23
C PHE A 290 23.97 -28.52 -8.37
N THR A 291 24.66 -28.74 -7.23
CA THR A 291 26.09 -29.15 -7.18
C THR A 291 26.27 -30.63 -7.50
N GLY A 292 27.36 -30.94 -8.20
CA GLY A 292 27.95 -32.29 -8.29
C GLY A 292 26.96 -33.34 -8.74
N ASN A 293 26.69 -34.33 -7.89
CA ASN A 293 25.86 -35.53 -8.21
C ASN A 293 24.45 -35.06 -8.62
N PHE A 294 23.96 -33.99 -8.01
CA PHE A 294 22.55 -33.53 -8.07
C PHE A 294 22.29 -32.67 -9.32
N SER A 295 23.32 -32.39 -10.12
CA SER A 295 23.30 -31.46 -11.27
C SER A 295 22.21 -31.83 -12.29
N THR A 296 21.79 -33.09 -12.36
CA THR A 296 20.84 -33.60 -13.39
C THR A 296 19.42 -33.64 -12.80
N GLN A 297 19.26 -33.35 -11.50
CA GLN A 297 17.93 -33.08 -10.90
C GLN A 297 17.49 -31.66 -11.27
N LYS A 298 16.20 -31.47 -11.54
CA LYS A 298 15.58 -30.17 -11.91
C LYS A 298 14.57 -29.76 -10.84
N VAL A 299 14.06 -28.54 -10.93
CA VAL A 299 12.84 -28.10 -10.20
C VAL A 299 11.72 -28.01 -11.23
N LYS A 300 10.53 -28.46 -10.86
CA LYS A 300 9.31 -28.42 -11.70
C LYS A 300 8.15 -27.81 -10.90
N MET A 301 7.53 -26.76 -11.44
CA MET A 301 6.36 -26.09 -10.84
C MET A 301 5.09 -26.73 -11.41
N HIS A 302 4.02 -26.78 -10.65
CA HIS A 302 2.70 -27.32 -11.06
C HIS A 302 1.62 -26.30 -10.67
N ILE A 303 1.29 -25.36 -11.56
CA ILE A 303 0.32 -24.26 -11.29
C ILE A 303 -0.92 -24.44 -12.18
N HIS A 304 -2.11 -24.56 -11.59
CA HIS A 304 -3.41 -24.77 -12.28
C HIS A 304 -4.47 -23.78 -11.80
N SER A 305 -4.04 -22.70 -11.13
CA SER A 305 -4.91 -21.58 -10.69
C SER A 305 -5.66 -21.01 -11.90
N THR A 306 -6.92 -20.60 -11.69
CA THR A 306 -7.77 -20.01 -12.77
C THR A 306 -8.09 -18.55 -12.43
N ASN A 307 -8.01 -17.68 -13.43
CA ASN A 307 -8.53 -16.29 -13.38
C ASN A 307 -10.02 -16.32 -13.74
N GLU A 308 -10.89 -15.64 -12.99
CA GLU A 308 -12.31 -15.57 -13.37
C GLU A 308 -13.01 -14.33 -12.80
N VAL A 309 -13.88 -13.79 -13.64
CA VAL A 309 -14.64 -12.53 -13.38
C VAL A 309 -15.62 -12.89 -12.27
N THR A 310 -15.49 -12.22 -11.13
CA THR A 310 -16.23 -12.53 -9.90
C THR A 310 -16.78 -11.22 -9.36
N ARG A 311 -17.98 -11.25 -8.82
CA ARG A 311 -18.62 -10.06 -8.19
C ARG A 311 -17.94 -9.75 -6.84
N ILE A 312 -17.71 -8.46 -6.59
CA ILE A 312 -17.11 -7.93 -5.33
C ILE A 312 -18.06 -6.84 -4.83
N TYR A 313 -18.03 -6.54 -3.53
CA TYR A 313 -19.02 -5.70 -2.83
C TYR A 313 -18.31 -4.69 -1.92
N ASN A 314 -18.37 -3.41 -2.26
CA ASN A 314 -17.94 -2.31 -1.35
C ASN A 314 -19.16 -1.96 -0.50
N VAL A 315 -18.96 -1.66 0.78
CA VAL A 315 -20.02 -1.03 1.63
C VAL A 315 -19.70 0.46 1.67
N ILE A 316 -20.68 1.30 1.34
CA ILE A 316 -20.52 2.78 1.26
C ILE A 316 -21.56 3.40 2.19
N GLY A 317 -21.10 4.01 3.27
CA GLY A 317 -21.98 4.67 4.25
C GLY A 317 -21.83 6.17 4.16
N THR A 318 -22.92 6.90 4.37
CA THR A 318 -22.99 8.37 4.27
C THR A 318 -23.47 8.98 5.60
N LEU A 319 -22.74 9.96 6.08
CA LEU A 319 -23.21 10.88 7.13
C LEU A 319 -23.24 12.27 6.51
N ARG A 320 -24.42 12.72 6.09
N ARG A 320 -24.42 12.74 6.14
CA ARG A 320 -24.60 13.98 5.31
CA ARG A 320 -24.65 13.98 5.36
C ARG A 320 -24.18 15.16 6.20
C ARG A 320 -24.22 15.18 6.21
N GLY A 321 -23.44 16.11 5.63
CA GLY A 321 -23.03 17.35 6.29
C GLY A 321 -24.18 18.32 6.47
N ALA A 322 -24.23 19.01 7.61
CA ALA A 322 -25.27 19.99 7.97
C ALA A 322 -25.07 21.27 7.17
N VAL A 323 -23.84 21.59 6.77
CA VAL A 323 -23.54 22.91 6.15
C VAL A 323 -23.02 22.74 4.72
N GLU A 324 -22.04 21.85 4.50
CA GLU A 324 -21.43 21.58 3.16
C GLU A 324 -21.62 20.11 2.81
N PRO A 325 -22.86 19.64 2.55
CA PRO A 325 -23.09 18.23 2.22
C PRO A 325 -22.45 17.79 0.89
N ASP A 326 -22.07 18.75 0.03
CA ASP A 326 -21.38 18.48 -1.26
C ASP A 326 -19.85 18.53 -1.09
N ARG A 327 -19.35 18.38 0.14
CA ARG A 327 -17.91 18.21 0.42
C ARG A 327 -17.77 16.89 1.16
N TYR A 328 -16.90 15.99 0.64
CA TYR A 328 -16.76 14.60 1.10
C TYR A 328 -15.42 14.40 1.80
N VAL A 329 -15.44 13.98 3.07
CA VAL A 329 -14.27 13.39 3.78
C VAL A 329 -14.50 11.89 3.78
N ILE A 330 -13.56 11.12 3.25
CA ILE A 330 -13.73 9.64 3.12
C ILE A 330 -12.80 8.96 4.12
N LEU A 331 -13.37 8.06 4.92
CA LEU A 331 -12.62 7.06 5.73
C LEU A 331 -12.89 5.69 5.11
N GLY A 332 -11.88 5.09 4.51
CA GLY A 332 -11.99 3.84 3.76
C GLY A 332 -10.90 2.87 4.14
N GLY A 333 -11.26 1.59 4.21
CA GLY A 333 -10.31 0.47 4.40
C GLY A 333 -10.93 -0.82 3.89
N HIS A 334 -10.12 -1.80 3.56
CA HIS A 334 -10.63 -3.07 2.97
C HIS A 334 -11.13 -4.02 4.06
N ARG A 335 -11.96 -4.94 3.60
CA ARG A 335 -12.70 -5.97 4.37
C ARG A 335 -12.20 -7.37 3.97
N ASP A 336 -11.83 -7.55 2.70
CA ASP A 336 -11.39 -8.85 2.18
C ASP A 336 -10.04 -9.21 2.83
N SER A 337 -9.80 -10.50 3.05
CA SER A 337 -8.59 -11.06 3.69
C SER A 337 -8.12 -12.26 2.88
N TRP A 338 -6.84 -12.62 3.02
CA TRP A 338 -6.29 -13.86 2.43
C TRP A 338 -6.81 -15.07 3.21
N VAL A 339 -6.89 -14.97 4.54
CA VAL A 339 -7.54 -15.99 5.41
C VAL A 339 -8.36 -15.26 6.50
N PHE A 340 -7.87 -15.18 7.74
CA PHE A 340 -8.63 -14.64 8.91
C PHE A 340 -8.50 -13.11 8.97
N GLY A 341 -7.42 -12.56 8.41
CA GLY A 341 -7.11 -11.11 8.44
C GLY A 341 -7.02 -10.57 9.85
N GLY A 342 -6.45 -11.33 10.78
CA GLY A 342 -6.31 -10.93 12.21
C GLY A 342 -5.73 -9.54 12.33
N ILE A 343 -4.70 -9.26 11.54
CA ILE A 343 -4.10 -7.90 11.40
C ILE A 343 -4.64 -7.25 10.12
N ASP A 344 -4.44 -7.93 9.00
CA ASP A 344 -4.62 -7.38 7.63
C ASP A 344 -5.88 -7.97 7.01
N PRO A 345 -7.04 -7.26 6.96
CA PRO A 345 -7.22 -5.89 7.42
C PRO A 345 -8.11 -5.63 8.64
N GLN A 346 -8.49 -6.68 9.38
CA GLN A 346 -9.62 -6.59 10.34
C GLN A 346 -9.21 -5.73 11.53
N SER A 347 -7.90 -5.57 11.81
CA SER A 347 -7.44 -4.64 12.86
C SER A 347 -7.78 -3.19 12.46
N GLY A 348 -7.81 -2.90 11.14
CA GLY A 348 -8.27 -1.62 10.58
C GLY A 348 -9.78 -1.53 10.48
N ALA A 349 -10.40 -2.58 9.97
CA ALA A 349 -11.87 -2.65 9.79
C ALA A 349 -12.58 -2.48 11.15
N ALA A 350 -12.00 -3.04 12.21
CA ALA A 350 -12.56 -2.97 13.57
C ALA A 350 -12.47 -1.53 14.08
N VAL A 351 -11.42 -0.80 13.72
CA VAL A 351 -11.27 0.64 14.10
C VAL A 351 -12.30 1.49 13.33
N VAL A 352 -12.52 1.17 12.05
CA VAL A 352 -13.50 1.92 11.22
C VAL A 352 -14.90 1.73 11.82
N HIS A 353 -15.22 0.49 12.21
CA HIS A 353 -16.53 0.10 12.79
C HIS A 353 -16.81 0.92 14.06
N GLU A 354 -15.81 1.09 14.91
CA GLU A 354 -15.98 1.83 16.18
C GLU A 354 -16.08 3.34 15.89
N ILE A 355 -15.39 3.82 14.85
CA ILE A 355 -15.46 5.24 14.41
C ILE A 355 -16.87 5.49 13.88
N VAL A 356 -17.42 4.58 13.08
CA VAL A 356 -18.82 4.69 12.57
C VAL A 356 -19.78 4.68 13.77
N ARG A 357 -19.68 3.69 14.67
CA ARG A 357 -20.58 3.57 15.85
C ARG A 357 -20.58 4.91 16.60
N SER A 358 -19.41 5.52 16.74
CA SER A 358 -19.21 6.76 17.52
CA SER A 358 -19.20 6.77 17.52
C SER A 358 -19.78 7.99 16.79
N PHE A 359 -19.55 8.12 15.47
CA PHE A 359 -20.17 9.22 14.69
C PHE A 359 -21.70 9.01 14.72
N GLY A 360 -22.13 7.75 14.64
CA GLY A 360 -23.54 7.35 14.73
C GLY A 360 -24.21 7.83 16.01
N THR A 361 -23.54 7.72 17.17
CA THR A 361 -24.18 8.04 18.47
C THR A 361 -24.36 9.56 18.52
N LEU A 362 -23.34 10.32 18.12
CA LEU A 362 -23.41 11.79 18.00
C LEU A 362 -24.58 12.18 17.09
N LYS A 363 -24.83 11.43 16.01
CA LYS A 363 -25.94 11.71 15.06
C LYS A 363 -27.27 11.53 15.80
N LYS A 364 -27.42 10.45 16.56
CA LYS A 364 -28.66 10.17 17.35
C LYS A 364 -28.90 11.29 18.36
N GLU A 365 -27.85 11.88 18.91
CA GLU A 365 -27.96 12.99 19.91
C GLU A 365 -28.42 14.26 19.21
N GLY A 366 -28.24 14.35 17.89
CA GLY A 366 -28.68 15.49 17.05
C GLY A 366 -27.51 16.33 16.54
N TRP A 367 -26.28 15.86 16.67
CA TRP A 367 -25.07 16.48 16.07
C TRP A 367 -24.89 15.99 14.63
N ARG A 368 -24.38 16.87 13.76
CA ARG A 368 -23.96 16.52 12.37
C ARG A 368 -22.62 17.16 12.08
N PRO A 369 -21.76 16.49 11.29
CA PRO A 369 -20.52 17.12 10.84
C PRO A 369 -20.87 18.25 9.86
N ARG A 370 -20.01 19.26 9.76
CA ARG A 370 -20.17 20.37 8.80
C ARG A 370 -20.22 19.82 7.36
N ARG A 371 -19.28 18.92 7.03
CA ARG A 371 -19.09 18.35 5.68
C ARG A 371 -19.57 16.90 5.73
N THR A 372 -19.92 16.33 4.59
CA THR A 372 -20.36 14.91 4.49
C THR A 372 -19.14 14.05 4.81
N ILE A 373 -19.37 12.97 5.54
CA ILE A 373 -18.35 11.90 5.76
C ILE A 373 -18.84 10.66 5.03
N LEU A 374 -17.97 10.07 4.21
CA LEU A 374 -18.23 8.76 3.57
C LEU A 374 -17.38 7.71 4.29
N PHE A 375 -17.98 6.57 4.60
CA PHE A 375 -17.28 5.41 5.21
C PHE A 375 -17.30 4.30 4.17
N ALA A 376 -16.15 3.69 3.91
CA ALA A 376 -16.04 2.62 2.88
C ALA A 376 -15.38 1.38 3.48
N SER A 377 -16.03 0.24 3.23
CA SER A 377 -15.55 -1.15 3.40
C SER A 377 -15.21 -1.68 2.01
N TRP A 378 -13.96 -1.56 1.61
CA TRP A 378 -13.51 -1.91 0.24
C TRP A 378 -13.40 -3.42 0.10
N ASP A 379 -13.66 -3.91 -1.10
CA ASP A 379 -13.50 -5.34 -1.44
C ASP A 379 -12.30 -5.49 -2.40
N ALA A 380 -11.80 -6.72 -2.53
CA ALA A 380 -10.76 -7.18 -3.49
C ALA A 380 -9.52 -6.28 -3.45
N GLU A 381 -9.20 -5.69 -2.29
CA GLU A 381 -7.95 -4.92 -2.10
C GLU A 381 -6.74 -5.86 -2.28
N GLU A 382 -6.84 -7.09 -1.80
CA GLU A 382 -5.68 -8.04 -1.80
C GLU A 382 -5.41 -8.47 -3.24
N PHE A 383 -6.38 -8.29 -4.13
CA PHE A 383 -6.27 -8.69 -5.55
C PHE A 383 -5.85 -7.51 -6.41
N GLY A 384 -5.58 -6.35 -5.81
CA GLY A 384 -4.95 -5.20 -6.49
C GLY A 384 -5.73 -3.91 -6.37
N LEU A 385 -6.29 -3.64 -5.19
CA LEU A 385 -7.02 -2.39 -4.87
C LEU A 385 -8.24 -2.28 -5.77
N LEU A 386 -8.88 -3.41 -6.08
CA LEU A 386 -9.88 -3.48 -7.18
C LEU A 386 -11.17 -2.77 -6.77
N GLY A 387 -11.64 -2.97 -5.55
CA GLY A 387 -12.88 -2.37 -5.05
C GLY A 387 -12.80 -0.86 -4.93
N SER A 388 -11.70 -0.35 -4.38
CA SER A 388 -11.48 1.11 -4.18
C SER A 388 -11.38 1.75 -5.56
N THR A 389 -10.64 1.13 -6.48
CA THR A 389 -10.32 1.72 -7.81
C THR A 389 -11.56 1.74 -8.71
N GLU A 390 -12.37 0.70 -8.72
CA GLU A 390 -13.58 0.60 -9.59
C GLU A 390 -14.60 1.63 -9.09
N TRP A 391 -14.73 1.77 -7.78
CA TRP A 391 -15.65 2.75 -7.17
C TRP A 391 -15.19 4.16 -7.54
N ALA A 392 -13.90 4.46 -7.42
CA ALA A 392 -13.33 5.77 -7.77
C ALA A 392 -13.51 6.02 -9.28
N GLU A 393 -13.35 5.01 -10.13
CA GLU A 393 -13.55 5.15 -11.60
C GLU A 393 -15.01 5.49 -11.88
N GLU A 394 -15.93 4.84 -11.18
CA GLU A 394 -17.38 5.12 -11.29
C GLU A 394 -17.68 6.56 -10.88
N ASN A 395 -17.06 7.06 -9.82
CA ASN A 395 -17.44 8.33 -9.14
C ASN A 395 -16.36 9.41 -9.31
N SER A 396 -15.46 9.25 -10.28
CA SER A 396 -14.24 10.09 -10.43
C SER A 396 -14.60 11.58 -10.47
N ARG A 397 -15.69 11.93 -11.16
CA ARG A 397 -16.11 13.34 -11.38
C ARG A 397 -16.58 13.97 -10.07
N LEU A 398 -17.46 13.28 -9.33
CA LEU A 398 -17.91 13.74 -7.99
C LEU A 398 -16.70 13.86 -7.06
N LEU A 399 -15.81 12.87 -7.10
CA LEU A 399 -14.65 12.83 -6.18
C LEU A 399 -13.74 14.02 -6.48
N GLN A 400 -13.51 14.33 -7.76
CA GLN A 400 -12.62 15.44 -8.16
C GLN A 400 -13.25 16.79 -7.83
N GLU A 401 -14.58 16.89 -7.90
CA GLU A 401 -15.31 18.15 -7.66
C GLU A 401 -15.51 18.37 -6.16
N ARG A 402 -15.69 17.30 -5.38
CA ARG A 402 -16.23 17.37 -3.99
C ARG A 402 -15.30 16.76 -2.93
N GLY A 403 -14.28 16.00 -3.33
CA GLY A 403 -13.42 15.25 -2.38
C GLY A 403 -12.47 16.14 -1.59
N VAL A 404 -12.70 16.25 -0.29
CA VAL A 404 -11.82 17.04 0.63
C VAL A 404 -10.56 16.23 0.90
N ALA A 405 -10.74 15.02 1.40
CA ALA A 405 -9.63 14.19 1.88
C ALA A 405 -10.06 12.74 1.92
N TYR A 406 -9.07 11.86 1.91
CA TYR A 406 -9.23 10.41 2.05
C TYR A 406 -8.29 9.93 3.17
N ILE A 407 -8.87 9.35 4.23
CA ILE A 407 -8.10 8.67 5.32
C ILE A 407 -8.23 7.17 5.11
N ASN A 408 -7.10 6.47 4.97
CA ASN A 408 -7.05 4.99 4.80
C ASN A 408 -7.24 4.37 6.19
N ALA A 409 -7.74 3.13 6.23
CA ALA A 409 -7.92 2.32 7.46
C ALA A 409 -7.70 0.84 7.15
N ASP A 410 -6.55 0.50 6.57
CA ASP A 410 -6.01 -0.88 6.63
C ASP A 410 -5.41 -1.09 8.04
N SER A 411 -4.68 -2.19 8.23
CA SER A 411 -4.06 -2.66 9.51
C SER A 411 -3.71 -1.52 10.46
N SER A 412 -4.26 -1.58 11.68
CA SER A 412 -4.07 -0.55 12.72
C SER A 412 -2.70 -0.73 13.37
N ILE A 413 -2.20 -1.97 13.37
CA ILE A 413 -0.96 -2.38 14.08
C ILE A 413 -0.18 -3.32 13.16
N GLU A 414 1.14 -3.16 13.11
CA GLU A 414 2.08 -4.15 12.53
C GLU A 414 3.25 -4.31 13.52
N GLY A 415 3.01 -3.91 14.77
CA GLY A 415 4.05 -3.70 15.81
C GLY A 415 3.50 -2.84 16.92
N ASN A 416 4.25 -2.70 18.03
CA ASN A 416 3.74 -2.03 19.25
C ASN A 416 4.73 -0.95 19.72
N TYR A 417 5.60 -0.47 18.82
CA TYR A 417 6.70 0.47 19.16
C TYR A 417 6.22 1.92 19.06
N THR A 418 5.77 2.38 17.88
CA THR A 418 5.43 3.82 17.68
C THR A 418 4.48 4.01 16.50
N LEU A 419 4.00 5.26 16.35
CA LEU A 419 3.10 5.67 15.23
C LEU A 419 3.91 5.69 13.94
N ARG A 420 3.28 5.28 12.84
CA ARG A 420 3.80 5.48 11.47
C ARG A 420 2.72 6.21 10.66
N VAL A 421 3.10 7.37 10.09
CA VAL A 421 2.19 8.27 9.34
C VAL A 421 2.78 8.51 7.96
N ASP A 422 1.99 8.22 6.92
CA ASP A 422 2.28 8.61 5.52
C ASP A 422 1.12 9.47 5.03
N CYS A 423 1.37 10.72 4.69
CA CYS A 423 0.31 11.62 4.20
C CYS A 423 0.90 12.72 3.31
N THR A 424 0.02 13.38 2.56
CA THR A 424 0.32 14.63 1.83
C THR A 424 0.87 15.64 2.83
N PRO A 425 1.83 16.50 2.43
CA PRO A 425 2.25 17.64 3.25
C PRO A 425 1.10 18.54 3.74
N LEU A 426 -0.03 18.52 3.03
CA LEU A 426 -1.25 19.29 3.41
C LEU A 426 -1.78 18.82 4.77
N MET A 427 -1.42 17.63 5.23
CA MET A 427 -1.95 17.09 6.52
C MET A 427 -0.90 17.14 7.63
N TYR A 428 0.34 17.58 7.36
CA TYR A 428 1.45 17.60 8.35
C TYR A 428 1.04 18.34 9.63
N SER A 429 0.56 19.59 9.55
CA SER A 429 0.17 20.41 10.72
C SER A 429 -1.03 19.78 11.45
N LEU A 430 -1.99 19.25 10.70
CA LEU A 430 -3.16 18.56 11.29
C LEU A 430 -2.66 17.40 12.17
N VAL A 431 -1.75 16.61 11.62
CA VAL A 431 -1.23 15.40 12.31
C VAL A 431 -0.41 15.81 13.54
N HIS A 432 0.45 16.82 13.42
CA HIS A 432 1.26 17.37 14.54
C HIS A 432 0.31 17.82 15.65
N ASN A 433 -0.65 18.68 15.32
CA ASN A 433 -1.58 19.28 16.31
C ASN A 433 -2.36 18.19 17.02
N LEU A 434 -2.89 17.24 16.27
CA LEU A 434 -3.78 16.18 16.80
C LEU A 434 -2.97 15.30 17.76
N THR A 435 -1.79 14.85 17.35
CA THR A 435 -0.99 13.87 18.14
C THR A 435 -0.49 14.57 19.42
N LYS A 436 -0.43 15.90 19.44
CA LYS A 436 -0.08 16.68 20.65
C LYS A 436 -1.24 16.72 21.65
N GLU A 437 -2.47 16.49 21.19
CA GLU A 437 -3.69 16.51 22.04
C GLU A 437 -4.09 15.09 22.44
N LEU A 438 -3.38 14.08 21.96
CA LEU A 438 -3.74 12.66 22.28
C LEU A 438 -2.71 12.12 23.26
N LYS A 439 -3.17 11.28 24.18
CA LYS A 439 -2.30 10.56 25.17
C LYS A 439 -1.46 9.52 24.41
N SER A 440 -0.18 9.40 24.76
CA SER A 440 0.70 8.29 24.30
C SER A 440 0.27 7.03 25.01
N PRO A 441 0.10 5.88 24.30
CA PRO A 441 -0.17 4.62 24.98
C PRO A 441 1.12 3.86 25.35
N ASP A 442 2.27 4.53 25.20
CA ASP A 442 3.62 3.91 25.25
C ASP A 442 4.09 3.79 26.70
N GLU A 443 4.62 2.62 27.06
CA GLU A 443 5.37 2.39 28.34
C GLU A 443 6.40 3.50 28.53
N GLY A 444 6.39 4.14 29.72
CA GLY A 444 7.39 5.15 30.10
C GLY A 444 7.08 6.50 29.51
N PHE A 445 5.94 6.66 28.82
CA PHE A 445 5.45 7.98 28.33
C PHE A 445 4.06 8.26 28.92
N GLU A 446 3.70 7.57 30.02
CA GLU A 446 2.45 7.83 30.78
C GLU A 446 2.38 9.33 31.12
N GLY A 447 1.29 10.00 30.73
CA GLY A 447 1.07 11.45 30.97
C GLY A 447 1.67 12.34 29.89
N LYS A 448 2.40 11.77 28.93
CA LYS A 448 2.97 12.51 27.79
C LYS A 448 2.05 12.41 26.58
N SER A 449 2.24 13.27 25.58
CA SER A 449 1.46 13.30 24.31
C SER A 449 1.99 12.23 23.35
N LEU A 450 1.13 11.70 22.49
CA LEU A 450 1.52 10.81 21.38
C LEU A 450 2.58 11.51 20.52
N TYR A 451 2.50 12.83 20.36
CA TYR A 451 3.49 13.61 19.57
C TYR A 451 4.89 13.37 20.15
N GLU A 452 5.01 13.45 21.47
CA GLU A 452 6.31 13.36 22.20
C GLU A 452 6.87 11.94 22.08
N SER A 453 6.06 10.92 22.36
CA SER A 453 6.52 9.51 22.29
C SER A 453 6.94 9.20 20.85
N TRP A 454 6.12 9.61 19.89
CA TRP A 454 6.33 9.41 18.42
C TRP A 454 7.60 10.15 17.96
N THR A 455 7.73 11.44 18.24
CA THR A 455 8.89 12.28 17.82
C THR A 455 10.17 11.68 18.40
N LYS A 456 10.11 11.22 19.65
CA LYS A 456 11.26 10.62 20.38
C LYS A 456 11.68 9.32 19.67
N LYS A 457 10.74 8.42 19.41
CA LYS A 457 11.03 7.07 18.86
C LYS A 457 11.28 7.11 17.36
N SER A 458 10.84 8.16 16.67
CA SER A 458 10.91 8.21 15.19
C SER A 458 11.15 9.64 14.74
N PRO A 459 12.36 10.20 15.00
CA PRO A 459 12.67 11.58 14.61
C PRO A 459 12.74 11.69 13.09
N SER A 460 12.38 12.87 12.57
CA SER A 460 12.49 13.21 11.12
C SER A 460 13.96 13.40 10.74
N PRO A 461 14.47 12.73 9.69
CA PRO A 461 15.81 13.02 9.18
C PRO A 461 15.83 14.42 8.54
N GLU A 462 14.67 14.84 8.02
CA GLU A 462 14.47 16.09 7.23
C GLU A 462 14.27 17.30 8.13
N PHE A 463 13.70 17.15 9.34
CA PHE A 463 13.24 18.28 10.16
C PHE A 463 13.50 18.05 11.65
N SER A 464 14.53 18.73 12.17
CA SER A 464 14.97 18.67 13.60
C SER A 464 13.77 18.89 14.53
N GLY A 465 13.55 17.98 15.48
CA GLY A 465 12.50 18.08 16.53
C GLY A 465 11.12 17.68 16.06
N MET A 466 11.00 17.23 14.80
CA MET A 466 9.73 16.78 14.16
C MET A 466 9.74 15.26 14.07
N PRO A 467 8.55 14.61 14.13
CA PRO A 467 8.43 13.19 13.84
C PRO A 467 8.55 12.87 12.35
N ARG A 468 9.05 11.68 12.01
CA ARG A 468 9.09 11.21 10.61
C ARG A 468 7.65 11.06 10.11
N ILE A 469 7.35 11.70 8.98
CA ILE A 469 6.14 11.44 8.15
C ILE A 469 6.67 11.07 6.78
N SER A 470 6.36 9.88 6.28
CA SER A 470 6.85 9.38 4.97
C SER A 470 5.90 9.76 3.83
N LYS A 471 6.34 9.52 2.60
CA LYS A 471 5.60 9.76 1.36
C LYS A 471 4.61 8.61 1.13
N LEU A 472 3.50 8.90 0.45
CA LEU A 472 2.57 7.87 -0.09
C LEU A 472 3.12 7.39 -1.44
N GLY A 473 3.23 6.07 -1.59
CA GLY A 473 3.41 5.43 -2.90
C GLY A 473 2.11 4.74 -3.27
N SER A 474 2.13 3.41 -3.34
CA SER A 474 0.92 2.61 -3.59
C SER A 474 0.92 1.41 -2.64
N GLY A 475 0.22 0.34 -3.01
CA GLY A 475 0.09 -0.88 -2.18
C GLY A 475 -1.03 -0.75 -1.17
N ASN A 476 -1.99 0.15 -1.41
CA ASN A 476 -3.24 0.24 -0.61
C ASN A 476 -4.28 1.16 -1.25
N ASP A 477 -5.48 1.19 -0.66
CA ASP A 477 -6.73 1.73 -1.25
C ASP A 477 -6.68 3.26 -1.47
N PHE A 478 -5.78 3.99 -0.81
CA PHE A 478 -5.61 5.46 -0.96
C PHE A 478 -5.10 5.80 -2.36
N GLU A 479 -4.53 4.83 -3.08
CA GLU A 479 -3.74 5.07 -4.32
C GLU A 479 -4.56 5.83 -5.38
N VAL A 480 -5.77 5.35 -5.71
CA VAL A 480 -6.58 5.96 -6.81
C VAL A 480 -6.93 7.38 -6.38
N PHE A 481 -7.31 7.57 -5.13
CA PHE A 481 -7.72 8.88 -4.56
C PHE A 481 -6.58 9.90 -4.69
N PHE A 482 -5.36 9.50 -4.35
CA PHE A 482 -4.19 10.40 -4.26
C PHE A 482 -3.47 10.45 -5.61
N GLN A 483 -3.01 9.31 -6.11
CA GLN A 483 -2.09 9.24 -7.27
C GLN A 483 -2.85 9.49 -8.58
N ARG A 484 -4.14 9.11 -8.67
CA ARG A 484 -4.91 9.33 -9.91
C ARG A 484 -5.77 10.59 -9.80
N LEU A 485 -6.45 10.81 -8.67
CA LEU A 485 -7.49 11.87 -8.57
C LEU A 485 -6.99 13.12 -7.86
N GLY A 486 -5.80 13.09 -7.23
CA GLY A 486 -5.25 14.24 -6.48
C GLY A 486 -6.13 14.70 -5.32
N ILE A 487 -6.67 13.76 -4.55
CA ILE A 487 -7.38 14.04 -3.27
C ILE A 487 -6.36 13.85 -2.13
N ALA A 488 -6.19 14.86 -1.30
CA ALA A 488 -5.31 14.86 -0.12
C ALA A 488 -5.55 13.57 0.67
N SER A 489 -4.49 12.78 0.90
CA SER A 489 -4.62 11.43 1.50
C SER A 489 -3.62 11.23 2.65
N GLY A 490 -4.04 10.42 3.61
CA GLY A 490 -3.31 10.12 4.85
C GLY A 490 -3.59 8.72 5.32
N ARG A 491 -2.59 8.12 5.97
CA ARG A 491 -2.70 6.86 6.72
C ARG A 491 -1.86 6.95 8.00
N ALA A 492 -2.29 6.27 9.05
CA ALA A 492 -1.59 6.17 10.35
C ALA A 492 -1.82 4.77 10.92
N ARG A 493 -0.75 4.13 11.40
CA ARG A 493 -0.84 2.82 12.11
C ARG A 493 0.23 2.78 13.19
N TYR A 494 0.16 1.80 14.08
CA TYR A 494 1.28 1.47 14.99
C TYR A 494 2.19 0.48 14.26
N THR A 495 3.50 0.67 14.43
CA THR A 495 4.55 -0.11 13.72
C THR A 495 5.61 -0.61 14.70
N LYS A 496 6.42 -1.58 14.26
CA LYS A 496 7.62 -2.10 14.95
C LYS A 496 8.73 -1.03 14.91
N ASN A 497 9.80 -1.26 15.67
CA ASN A 497 11.12 -0.57 15.56
C ASN A 497 11.89 -1.18 14.38
N TRP A 498 12.70 -0.36 13.69
CA TRP A 498 13.43 -0.69 12.44
C TRP A 498 14.93 -0.46 12.63
N ASN A 501 16.10 -5.57 10.68
CA ASN A 501 14.92 -6.06 9.92
C ASN A 501 14.07 -4.85 9.50
N LYS A 502 13.85 -4.67 8.20
CA LYS A 502 13.13 -3.48 7.65
C LYS A 502 12.70 -3.69 6.19
N PHE A 503 11.47 -3.27 5.89
CA PHE A 503 10.78 -3.32 4.57
C PHE A 503 10.41 -4.77 4.23
N SER A 504 10.14 -5.56 5.26
CA SER A 504 9.74 -7.00 5.17
C SER A 504 8.28 -7.15 5.58
N GLY A 505 7.88 -6.50 6.69
CA GLY A 505 6.50 -6.48 7.19
C GLY A 505 6.44 -6.94 8.62
N TYR A 506 5.51 -7.85 8.92
CA TYR A 506 5.45 -8.61 10.20
C TYR A 506 5.54 -10.08 9.81
N PRO A 507 6.20 -10.95 10.62
CA PRO A 507 6.42 -12.35 10.23
C PRO A 507 5.22 -13.14 9.70
N LEU A 508 4.04 -12.94 10.28
CA LEU A 508 2.83 -13.77 9.99
C LEU A 508 1.90 -13.14 8.93
N TYR A 509 2.40 -12.13 8.21
CA TYR A 509 1.73 -11.42 7.08
C TYR A 509 1.21 -12.41 6.01
N HIS A 510 -0.11 -12.42 5.79
CA HIS A 510 -0.81 -13.15 4.69
C HIS A 510 -0.76 -14.66 4.94
N SER A 511 -0.53 -15.07 6.19
CA SER A 511 -0.45 -16.49 6.64
C SER A 511 -1.75 -16.86 7.35
N VAL A 512 -2.08 -18.15 7.39
CA VAL A 512 -3.22 -18.72 8.18
C VAL A 512 -2.99 -18.41 9.67
N TYR A 513 -1.75 -18.14 10.09
CA TYR A 513 -1.39 -17.91 11.52
C TYR A 513 -1.71 -16.48 11.94
N GLU A 514 -2.11 -15.63 10.99
CA GLU A 514 -2.52 -14.23 11.26
C GLU A 514 -3.97 -14.24 11.77
N THR A 515 -4.13 -14.38 13.08
CA THR A 515 -5.42 -14.67 13.77
C THR A 515 -5.77 -13.56 14.75
N TYR A 516 -7.00 -13.61 15.25
CA TYR A 516 -7.46 -12.85 16.44
C TYR A 516 -6.48 -13.04 17.58
N GLU A 517 -6.06 -14.28 17.84
CA GLU A 517 -5.25 -14.67 19.01
C GLU A 517 -3.87 -14.02 18.93
N LEU A 518 -3.29 -13.94 17.72
CA LEU A 518 -1.98 -13.26 17.48
C LEU A 518 -2.02 -11.81 18.01
N VAL A 519 -3.12 -11.11 17.77
CA VAL A 519 -3.26 -9.67 18.14
C VAL A 519 -3.48 -9.58 19.66
N GLU A 520 -4.43 -10.38 20.12
CA GLU A 520 -4.94 -10.37 21.52
C GLU A 520 -3.80 -10.82 22.46
N LYS A 521 -3.06 -11.86 22.10
CA LYS A 521 -1.99 -12.44 22.95
C LYS A 521 -0.71 -11.59 22.85
N PHE A 522 -0.25 -11.26 21.63
CA PHE A 522 1.16 -10.85 21.38
C PHE A 522 1.31 -9.38 20.98
N TYR A 523 0.33 -8.78 20.31
CA TYR A 523 0.46 -7.42 19.72
C TYR A 523 -0.15 -6.39 20.66
N ASP A 524 -1.39 -6.59 21.10
CA ASP A 524 -2.18 -5.50 21.76
C ASP A 524 -3.23 -6.09 22.70
N PRO A 525 -2.83 -6.72 23.83
CA PRO A 525 -3.77 -7.32 24.77
C PRO A 525 -4.80 -6.34 25.37
N MET A 526 -4.36 -5.10 25.63
CA MET A 526 -5.22 -4.03 26.20
C MET A 526 -6.03 -3.30 25.10
N PHE A 527 -5.67 -3.52 23.83
CA PHE A 527 -6.21 -2.81 22.63
C PHE A 527 -5.99 -1.30 22.77
N LYS A 528 -4.86 -0.90 23.36
CA LYS A 528 -4.54 0.53 23.59
C LYS A 528 -3.93 1.13 22.32
N TYR A 529 -3.16 0.34 21.55
CA TYR A 529 -2.56 0.79 20.27
C TYR A 529 -3.68 0.99 19.26
N HIS A 530 -4.59 0.02 19.14
CA HIS A 530 -5.85 0.12 18.36
C HIS A 530 -6.58 1.40 18.74
N LEU A 531 -6.73 1.69 20.04
CA LEU A 531 -7.52 2.87 20.48
C LEU A 531 -6.81 4.14 20.03
N THR A 532 -5.48 4.19 20.15
CA THR A 532 -4.67 5.37 19.77
C THR A 532 -4.84 5.61 18.27
N VAL A 533 -4.80 4.55 17.47
CA VAL A 533 -4.93 4.63 15.99
C VAL A 533 -6.35 5.09 15.62
N ALA A 534 -7.36 4.57 16.32
CA ALA A 534 -8.77 5.01 16.16
C ALA A 534 -8.89 6.51 16.47
N GLN A 535 -8.16 7.01 17.48
CA GLN A 535 -8.19 8.45 17.83
C GLN A 535 -7.50 9.27 16.73
N VAL A 536 -6.43 8.75 16.14
CA VAL A 536 -5.67 9.46 15.07
C VAL A 536 -6.54 9.50 13.81
N ARG A 537 -6.95 8.34 13.30
CA ARG A 537 -7.77 8.25 12.07
C ARG A 537 -9.09 9.02 12.27
N GLY A 538 -9.77 8.77 13.37
CA GLY A 538 -11.08 9.37 13.67
C GLY A 538 -10.95 10.86 13.91
N GLY A 539 -9.94 11.30 14.64
CA GLY A 539 -9.68 12.72 14.91
C GLY A 539 -9.36 13.48 13.63
N MET A 540 -8.62 12.85 12.71
CA MET A 540 -8.27 13.48 11.40
C MET A 540 -9.55 13.67 10.57
N VAL A 541 -10.35 12.62 10.45
CA VAL A 541 -11.66 12.64 9.75
C VAL A 541 -12.52 13.74 10.38
N PHE A 542 -12.63 13.76 11.70
CA PHE A 542 -13.39 14.77 12.47
C PHE A 542 -12.96 16.17 12.03
N GLU A 543 -11.68 16.49 12.11
CA GLU A 543 -11.17 17.86 11.87
C GLU A 543 -11.38 18.25 10.40
N LEU A 544 -11.15 17.31 9.47
CA LEU A 544 -11.36 17.53 8.02
C LEU A 544 -12.86 17.80 7.75
N ALA A 545 -13.74 17.05 8.38
CA ALA A 545 -15.21 17.13 8.19
C ALA A 545 -15.83 18.29 8.96
N ASN A 546 -15.15 18.86 9.97
CA ASN A 546 -15.84 19.76 10.92
C ASN A 546 -15.16 21.12 11.08
N SER A 547 -13.87 21.23 10.80
CA SER A 547 -13.13 22.51 10.93
C SER A 547 -13.75 23.53 9.95
N ILE A 548 -13.93 24.79 10.38
CA ILE A 548 -14.57 25.87 9.58
C ILE A 548 -13.70 26.09 8.34
N VAL A 549 -12.40 26.30 8.59
CA VAL A 549 -11.35 26.39 7.54
C VAL A 549 -10.68 25.03 7.48
N LEU A 550 -10.59 24.43 6.29
CA LEU A 550 -9.98 23.09 6.10
C LEU A 550 -8.60 23.13 6.75
N PRO A 551 -8.22 22.13 7.57
CA PRO A 551 -6.93 22.14 8.25
C PRO A 551 -5.78 21.66 7.35
N PHE A 552 -5.57 22.35 6.22
CA PHE A 552 -4.45 22.13 5.27
C PHE A 552 -3.52 23.35 5.33
N ASP A 553 -2.23 23.15 5.59
CA ASP A 553 -1.22 24.24 5.55
C ASP A 553 -0.37 24.10 4.28
N CYS A 554 -0.60 24.99 3.33
CA CYS A 554 0.06 25.01 2.00
C CYS A 554 1.56 25.29 2.19
N ARG A 555 1.96 25.91 3.31
CA ARG A 555 3.38 26.24 3.58
C ARG A 555 4.19 24.94 3.81
N ASP A 556 3.56 23.87 4.28
CA ASP A 556 4.23 22.56 4.47
C ASP A 556 4.57 21.96 3.10
N TYR A 557 3.75 22.21 2.07
CA TYR A 557 4.02 21.74 0.70
C TYR A 557 5.24 22.50 0.16
N ALA A 558 5.29 23.82 0.38
CA ALA A 558 6.41 24.69 -0.06
C ALA A 558 7.72 24.13 0.47
N VAL A 559 7.78 23.88 1.77
CA VAL A 559 8.99 23.37 2.47
C VAL A 559 9.44 22.05 1.83
N VAL A 560 8.55 21.09 1.59
CA VAL A 560 8.98 19.75 1.09
C VAL A 560 9.33 19.85 -0.41
N LEU A 561 8.65 20.72 -1.17
CA LEU A 561 8.96 20.87 -2.63
C LEU A 561 10.42 21.34 -2.79
N ARG A 562 10.95 22.16 -1.90
CA ARG A 562 12.38 22.60 -1.95
C ARG A 562 13.29 21.40 -1.69
N LYS A 563 12.93 20.54 -0.73
CA LYS A 563 13.72 19.31 -0.41
C LYS A 563 13.72 18.38 -1.63
N TYR A 564 12.58 18.22 -2.29
CA TYR A 564 12.41 17.29 -3.43
C TYR A 564 13.23 17.78 -4.62
N ALA A 565 13.25 19.10 -4.82
CA ALA A 565 14.03 19.82 -5.87
C ALA A 565 15.53 19.66 -5.61
N ASP A 566 15.98 19.92 -4.37
CA ASP A 566 17.38 19.66 -3.91
C ASP A 566 17.72 18.20 -4.22
N LYS A 567 16.84 17.27 -3.84
CA LYS A 567 17.05 15.82 -4.03
C LYS A 567 17.18 15.47 -5.52
N ILE A 568 16.27 15.97 -6.38
CA ILE A 568 16.23 15.46 -7.79
C ILE A 568 17.42 16.06 -8.56
N TYR A 569 17.79 17.31 -8.25
CA TYR A 569 19.07 17.94 -8.68
C TYR A 569 20.23 17.02 -8.26
N SER A 570 20.27 16.63 -7.00
CA SER A 570 21.35 15.78 -6.41
C SER A 570 21.48 14.47 -7.19
N ILE A 571 20.35 13.88 -7.58
CA ILE A 571 20.32 12.57 -8.28
C ILE A 571 20.78 12.77 -9.74
N SER A 572 20.38 13.87 -10.37
CA SER A 572 20.82 14.23 -11.74
C SER A 572 22.35 14.43 -11.74
N MET A 573 22.86 15.04 -10.66
CA MET A 573 24.29 15.39 -10.47
C MET A 573 25.18 14.13 -10.33
N LYS A 574 24.60 12.94 -10.24
CA LYS A 574 25.38 11.68 -10.40
C LYS A 574 26.07 11.67 -11.76
N HIS A 575 25.53 12.44 -12.72
CA HIS A 575 26.03 12.53 -14.12
C HIS A 575 26.30 13.99 -14.49
N PRO A 576 27.20 14.68 -13.75
CA PRO A 576 27.31 16.13 -13.86
C PRO A 576 27.96 16.59 -15.16
N GLN A 577 28.81 15.76 -15.77
CA GLN A 577 29.42 16.07 -17.09
C GLN A 577 28.32 16.04 -18.16
N GLU A 578 27.50 14.98 -18.16
CA GLU A 578 26.33 14.86 -19.07
C GLU A 578 25.42 16.07 -18.87
N MET A 579 25.20 16.51 -17.63
CA MET A 579 24.33 17.67 -17.36
C MET A 579 24.85 18.86 -18.17
N LYS A 580 26.17 19.03 -18.24
CA LYS A 580 26.80 20.16 -18.98
C LYS A 580 26.68 19.91 -20.48
N THR A 581 27.05 18.71 -20.95
CA THR A 581 27.00 18.35 -22.39
C THR A 581 25.61 18.69 -22.95
N TYR A 582 24.54 18.34 -22.22
CA TYR A 582 23.14 18.44 -22.70
C TYR A 582 22.39 19.60 -22.05
N SER A 583 23.11 20.56 -21.44
CA SER A 583 22.52 21.78 -20.84
C SER A 583 21.27 21.42 -20.04
N VAL A 584 21.41 20.49 -19.09
CA VAL A 584 20.33 20.04 -18.17
C VAL A 584 20.31 21.03 -17.00
N SER A 585 19.31 21.92 -16.95
CA SER A 585 19.16 22.93 -15.87
C SER A 585 17.84 22.73 -15.10
N PHE A 586 17.95 22.85 -13.78
CA PHE A 586 16.84 22.73 -12.80
C PHE A 586 16.39 24.12 -12.40
N ASP A 587 16.88 25.16 -13.10
CA ASP A 587 16.62 26.60 -12.80
C ASP A 587 15.09 26.83 -12.71
N SER A 588 14.34 26.28 -13.66
CA SER A 588 12.89 26.50 -13.79
C SER A 588 12.20 25.86 -12.58
N LEU A 589 12.62 24.65 -12.24
CA LEU A 589 12.05 23.90 -11.09
C LEU A 589 12.29 24.69 -9.80
N PHE A 590 13.49 25.19 -9.57
CA PHE A 590 13.83 25.93 -8.31
C PHE A 590 13.03 27.24 -8.27
N SER A 591 12.90 27.88 -9.43
CA SER A 591 12.12 29.13 -9.61
C SER A 591 10.66 28.89 -9.21
N ALA A 592 10.04 27.81 -9.73
CA ALA A 592 8.63 27.45 -9.47
C ALA A 592 8.43 27.24 -7.95
N VAL A 593 9.39 26.56 -7.32
CA VAL A 593 9.33 26.23 -5.88
C VAL A 593 9.45 27.53 -5.06
N LYS A 594 10.34 28.42 -5.46
CA LYS A 594 10.50 29.73 -4.81
C LYS A 594 9.17 30.49 -4.90
N ASN A 595 8.51 30.43 -6.06
CA ASN A 595 7.22 31.12 -6.34
C ASN A 595 6.11 30.55 -5.48
N PHE A 596 6.03 29.21 -5.38
CA PHE A 596 5.04 28.48 -4.55
C PHE A 596 5.19 28.94 -3.09
N THR A 597 6.44 29.06 -2.63
CA THR A 597 6.78 29.46 -1.24
C THR A 597 6.23 30.86 -0.97
N GLU A 598 6.50 31.80 -1.88
CA GLU A 598 6.07 33.23 -1.75
CA GLU A 598 6.06 33.23 -1.76
C GLU A 598 4.54 33.30 -1.78
N ILE A 599 3.91 32.63 -2.76
CA ILE A 599 2.43 32.71 -2.97
C ILE A 599 1.71 32.02 -1.80
N ALA A 600 2.24 30.89 -1.32
CA ALA A 600 1.67 30.12 -0.18
C ALA A 600 1.74 30.98 1.11
N SER A 601 2.83 31.73 1.26
CA SER A 601 3.08 32.66 2.39
C SER A 601 2.01 33.76 2.41
N LYS A 602 1.73 34.38 1.26
CA LYS A 602 0.71 35.45 1.14
C LYS A 602 -0.70 34.87 1.32
N PHE A 603 -0.98 33.69 0.77
CA PHE A 603 -2.31 33.05 0.86
C PHE A 603 -2.62 32.76 2.33
N SER A 604 -1.58 32.35 3.04
CA SER A 604 -1.58 32.03 4.49
C SER A 604 -1.93 33.30 5.30
N GLU A 605 -1.37 34.46 4.94
CA GLU A 605 -1.75 35.76 5.55
C GLU A 605 -3.25 35.98 5.35
N ARG A 606 -3.73 35.87 4.11
CA ARG A 606 -5.14 36.10 3.75
C ARG A 606 -6.03 35.09 4.48
N LEU A 607 -5.54 33.86 4.63
CA LEU A 607 -6.31 32.78 5.32
C LEU A 607 -6.49 33.16 6.79
N GLN A 608 -5.48 33.78 7.40
CA GLN A 608 -5.50 34.23 8.82
C GLN A 608 -6.42 35.44 8.96
N ASP A 609 -6.40 36.37 8.01
CA ASP A 609 -7.01 37.72 8.16
C ASP A 609 -8.53 37.70 7.87
N PHE A 610 -8.99 36.96 6.86
CA PHE A 610 -10.35 37.14 6.27
C PHE A 610 -11.44 36.81 7.30
N ASP A 611 -12.65 37.31 7.01
CA ASP A 611 -13.87 37.16 7.84
C ASP A 611 -14.51 35.78 7.57
N LYS A 612 -14.41 34.88 8.54
CA LYS A 612 -14.86 33.47 8.44
C LYS A 612 -16.37 33.40 8.65
N SER A 613 -17.02 34.54 8.91
CA SER A 613 -18.49 34.68 9.08
C SER A 613 -19.16 34.89 7.73
N ASN A 614 -18.37 35.31 6.73
CA ASN A 614 -18.78 35.40 5.30
C ASN A 614 -18.75 34.01 4.67
N PRO A 615 -19.92 33.36 4.46
CA PRO A 615 -19.94 31.97 4.02
C PRO A 615 -19.39 31.82 2.59
N ILE A 616 -19.47 32.89 1.80
CA ILE A 616 -19.03 32.90 0.36
C ILE A 616 -17.51 33.09 0.32
N VAL A 617 -16.91 33.96 1.14
CA VAL A 617 -15.42 34.12 1.14
C VAL A 617 -14.81 32.87 1.78
N LEU A 618 -15.47 32.26 2.76
CA LEU A 618 -14.98 31.01 3.39
C LEU A 618 -14.93 29.87 2.34
N ARG A 619 -16.02 29.69 1.58
CA ARG A 619 -16.16 28.60 0.57
C ARG A 619 -15.08 28.78 -0.52
N MET A 620 -14.83 30.03 -0.94
N MET A 620 -14.79 30.02 -0.89
CA MET A 620 -13.78 30.39 -1.92
CA MET A 620 -13.80 30.33 -1.96
C MET A 620 -12.44 29.85 -1.42
C MET A 620 -12.38 29.99 -1.47
N MET A 621 -12.07 30.22 -0.19
CA MET A 621 -10.74 29.90 0.39
C MET A 621 -10.66 28.41 0.70
N ASN A 622 -11.74 27.79 1.19
CA ASN A 622 -11.81 26.31 1.36
C ASN A 622 -11.62 25.62 -0.01
N ASP A 623 -12.27 26.09 -1.07
CA ASP A 623 -12.06 25.53 -2.44
C ASP A 623 -10.59 25.62 -2.83
N GLN A 624 -9.94 26.76 -2.61
CA GLN A 624 -8.50 26.93 -2.93
C GLN A 624 -7.67 25.85 -2.21
N LEU A 625 -7.98 25.56 -0.93
CA LEU A 625 -7.26 24.55 -0.12
C LEU A 625 -7.57 23.15 -0.65
N MET A 626 -8.85 22.84 -0.84
CA MET A 626 -9.35 21.53 -1.34
C MET A 626 -8.71 21.18 -2.69
N PHE A 627 -8.62 22.15 -3.61
CA PHE A 627 -8.20 21.94 -5.01
C PHE A 627 -6.68 22.03 -5.19
N LEU A 628 -5.93 22.38 -4.15
CA LEU A 628 -4.46 22.51 -4.25
C LEU A 628 -3.83 21.16 -4.64
N GLU A 629 -4.24 20.06 -4.00
CA GLU A 629 -3.74 18.71 -4.34
C GLU A 629 -4.10 18.36 -5.79
N ARG A 630 -5.27 18.77 -6.28
CA ARG A 630 -5.72 18.47 -7.67
C ARG A 630 -4.79 19.12 -8.69
N ALA A 631 -4.14 20.24 -8.34
CA ALA A 631 -3.31 21.02 -9.30
C ALA A 631 -2.06 20.21 -9.67
N PHE A 632 -1.71 19.19 -8.89
CA PHE A 632 -0.50 18.35 -9.13
C PHE A 632 -0.84 17.19 -10.08
N ILE A 633 -2.11 17.07 -10.44
CA ILE A 633 -2.61 15.97 -11.32
C ILE A 633 -2.43 16.42 -12.77
N ASP A 634 -1.77 15.59 -13.56
CA ASP A 634 -1.62 15.74 -15.01
C ASP A 634 -2.53 14.71 -15.69
N PRO A 635 -3.56 15.12 -16.45
CA PRO A 635 -4.44 14.15 -17.13
C PRO A 635 -3.68 13.21 -18.07
N LEU A 636 -2.54 13.63 -18.61
CA LEU A 636 -1.73 12.80 -19.53
C LEU A 636 -1.04 11.67 -18.76
N GLY A 637 -0.87 11.84 -17.45
CA GLY A 637 -0.21 10.84 -16.60
C GLY A 637 1.29 10.83 -16.82
N LEU A 638 2.01 10.03 -16.05
CA LEU A 638 3.48 9.93 -16.15
C LEU A 638 3.81 9.02 -17.34
N PRO A 639 5.00 9.16 -17.94
CA PRO A 639 5.33 8.40 -19.15
C PRO A 639 5.20 6.89 -18.93
N ASP A 640 4.45 6.21 -19.79
CA ASP A 640 4.21 4.75 -19.74
C ASP A 640 3.39 4.35 -18.50
N ARG A 641 2.86 5.30 -17.74
CA ARG A 641 2.02 4.98 -16.55
C ARG A 641 0.87 5.97 -16.47
N PRO A 642 -0.12 5.84 -17.39
CA PRO A 642 -1.19 6.83 -17.52
C PRO A 642 -2.14 7.00 -16.32
N PHE A 643 -2.15 6.06 -15.36
CA PHE A 643 -3.06 6.12 -14.19
C PHE A 643 -2.34 6.69 -12.97
N TYR A 644 -1.03 6.89 -13.05
CA TYR A 644 -0.23 7.68 -12.08
C TYR A 644 -0.08 9.10 -12.61
N ARG A 645 -0.86 10.03 -12.04
CA ARG A 645 -1.04 11.39 -12.64
C ARG A 645 -0.50 12.47 -11.70
N HIS A 646 -0.11 12.12 -10.48
CA HIS A 646 0.48 13.10 -9.53
C HIS A 646 1.93 13.35 -9.94
N VAL A 647 2.28 14.61 -10.18
CA VAL A 647 3.61 15.03 -10.71
C VAL A 647 4.68 15.10 -9.58
N ILE A 648 4.25 15.24 -8.32
CA ILE A 648 5.13 15.33 -7.11
C ILE A 648 5.39 13.93 -6.56
N TYR A 649 4.42 13.03 -6.65
CA TYR A 649 4.48 11.69 -6.01
C TYR A 649 4.03 10.59 -6.98
N ALA A 650 4.75 9.48 -7.01
CA ALA A 650 4.28 8.22 -7.63
C ALA A 650 5.01 7.05 -6.97
N PRO A 651 4.42 5.84 -7.00
CA PRO A 651 5.17 4.64 -6.65
C PRO A 651 6.42 4.54 -7.51
N SER A 652 7.47 3.94 -6.95
CA SER A 652 8.65 3.46 -7.73
C SER A 652 8.16 2.48 -8.80
N SER A 653 8.65 2.65 -10.03
CA SER A 653 8.51 1.68 -11.15
C SER A 653 8.98 0.29 -10.72
N HIS A 654 9.89 0.20 -9.75
CA HIS A 654 10.62 -1.04 -9.33
C HIS A 654 10.12 -1.54 -7.96
N ASN A 655 9.23 -0.80 -7.30
CA ASN A 655 8.74 -1.14 -5.94
C ASN A 655 7.50 -0.31 -5.61
N LYS A 656 6.34 -0.89 -5.90
CA LYS A 656 4.99 -0.30 -5.72
C LYS A 656 4.83 0.28 -4.30
N TYR A 657 5.48 -0.31 -3.29
CA TYR A 657 5.33 0.11 -1.87
C TYR A 657 6.06 1.42 -1.63
N ALA A 658 7.16 1.68 -2.35
CA ALA A 658 8.06 2.84 -2.15
C ALA A 658 7.53 4.06 -2.91
N GLY A 659 7.56 5.24 -2.29
CA GLY A 659 7.15 6.50 -2.94
C GLY A 659 8.37 7.29 -3.42
N GLU A 660 8.29 7.82 -4.64
CA GLU A 660 9.33 8.75 -5.20
C GLU A 660 8.73 10.15 -5.29
N SER A 661 9.53 11.19 -5.02
CA SER A 661 9.21 12.60 -5.33
C SER A 661 9.71 12.92 -6.74
N PHE A 662 9.03 13.85 -7.43
CA PHE A 662 9.26 14.22 -8.87
C PHE A 662 9.49 12.95 -9.67
N PRO A 663 8.52 12.00 -9.62
CA PRO A 663 8.65 10.69 -10.26
C PRO A 663 8.91 10.73 -11.77
N GLY A 664 8.39 11.73 -12.47
CA GLY A 664 8.66 11.89 -13.90
C GLY A 664 10.15 12.05 -14.14
N ILE A 665 10.80 12.94 -13.40
CA ILE A 665 12.26 13.22 -13.53
C ILE A 665 13.03 12.00 -13.05
N TYR A 666 12.60 11.44 -11.92
CA TYR A 666 13.25 10.27 -11.28
C TYR A 666 13.32 9.09 -12.28
N ASP A 667 12.21 8.74 -12.93
CA ASP A 667 12.15 7.59 -13.88
C ASP A 667 13.03 7.89 -15.10
N ALA A 668 13.01 9.14 -15.56
CA ALA A 668 13.83 9.61 -16.69
C ALA A 668 15.33 9.44 -16.37
N LEU A 669 15.72 9.63 -15.11
CA LEU A 669 17.15 9.58 -14.67
C LEU A 669 17.56 8.14 -14.40
N PHE A 670 16.62 7.25 -14.10
CA PHE A 670 16.96 5.91 -13.56
C PHE A 670 17.69 5.08 -14.62
N ASP A 671 18.90 4.62 -14.26
CA ASP A 671 19.77 3.77 -15.11
C ASP A 671 20.00 4.47 -16.46
N ILE A 672 20.15 5.80 -16.45
CA ILE A 672 20.25 6.63 -17.69
C ILE A 672 21.53 6.25 -18.44
N GLU A 673 22.61 5.96 -17.72
CA GLU A 673 23.95 5.69 -18.31
C GLU A 673 23.87 4.40 -19.16
N SER A 674 22.88 3.55 -18.94
CA SER A 674 22.61 2.34 -19.76
C SER A 674 22.01 2.71 -21.13
N LYS A 675 21.35 3.85 -21.24
CA LYS A 675 20.53 4.20 -22.44
C LYS A 675 21.45 4.38 -23.65
N VAL A 676 21.07 3.79 -24.80
CA VAL A 676 21.88 3.76 -26.04
C VAL A 676 21.99 5.17 -26.64
N ASP A 677 20.92 5.97 -26.59
CA ASP A 677 20.89 7.36 -27.14
C ASP A 677 20.92 8.37 -25.99
N PRO A 678 22.11 8.81 -25.55
CA PRO A 678 22.24 9.75 -24.44
C PRO A 678 21.41 11.02 -24.67
N SER A 679 21.46 11.53 -25.90
CA SER A 679 20.82 12.80 -26.32
C SER A 679 19.30 12.74 -26.11
N LYS A 680 18.65 11.63 -26.50
CA LYS A 680 17.17 11.44 -26.34
C LYS A 680 16.84 11.29 -24.85
N ALA A 681 17.56 10.43 -24.14
CA ALA A 681 17.35 10.11 -22.72
C ALA A 681 17.46 11.38 -21.87
N TRP A 682 18.49 12.20 -22.11
CA TRP A 682 18.67 13.48 -21.38
C TRP A 682 17.62 14.50 -21.83
N GLY A 683 17.17 14.39 -23.08
CA GLY A 683 16.06 15.22 -23.59
C GLY A 683 14.78 14.96 -22.82
N GLU A 684 14.51 13.70 -22.51
CA GLU A 684 13.33 13.31 -21.71
C GLU A 684 13.48 13.84 -20.28
N VAL A 685 14.70 13.85 -19.74
CA VAL A 685 14.97 14.41 -18.38
C VAL A 685 14.59 15.89 -18.41
N LYS A 686 14.98 16.62 -19.46
CA LYS A 686 14.71 18.09 -19.56
C LYS A 686 13.20 18.32 -19.74
N ARG A 687 12.53 17.47 -20.51
CA ARG A 687 11.05 17.55 -20.65
C ARG A 687 10.37 17.41 -19.28
N GLN A 688 10.87 16.51 -18.43
CA GLN A 688 10.21 16.21 -17.13
C GLN A 688 10.50 17.34 -16.13
N ILE A 689 11.64 18.00 -16.25
CA ILE A 689 11.96 19.23 -15.46
C ILE A 689 10.93 20.29 -15.82
N TYR A 690 10.68 20.46 -17.12
CA TYR A 690 9.71 21.43 -17.69
C TYR A 690 8.32 21.17 -17.12
N VAL A 691 7.86 19.92 -17.21
CA VAL A 691 6.49 19.52 -16.76
C VAL A 691 6.39 19.80 -15.26
N ALA A 692 7.43 19.46 -14.51
CA ALA A 692 7.45 19.60 -13.03
C ALA A 692 7.42 21.07 -12.66
N ALA A 693 8.25 21.90 -13.28
CA ALA A 693 8.30 23.36 -13.01
C ALA A 693 6.95 23.98 -13.37
N PHE A 694 6.40 23.60 -14.52
CA PHE A 694 5.10 24.13 -14.98
C PHE A 694 4.02 23.82 -13.94
N THR A 695 4.02 22.57 -13.45
CA THR A 695 2.97 22.02 -12.58
C THR A 695 3.03 22.71 -11.22
N VAL A 696 4.24 22.92 -10.71
CA VAL A 696 4.49 23.59 -9.40
C VAL A 696 4.01 25.04 -9.49
N GLN A 697 4.37 25.74 -10.55
CA GLN A 697 3.94 27.15 -10.80
C GLN A 697 2.41 27.19 -10.91
N ALA A 698 1.81 26.24 -11.64
CA ALA A 698 0.35 26.17 -11.86
C ALA A 698 -0.33 25.95 -10.51
N ALA A 699 0.17 25.01 -9.71
CA ALA A 699 -0.33 24.74 -8.34
C ALA A 699 -0.24 26.00 -7.48
N ALA A 700 0.89 26.69 -7.51
CA ALA A 700 1.13 27.95 -6.77
C ALA A 700 0.08 28.99 -7.15
N GLU A 701 -0.26 29.08 -8.44
CA GLU A 701 -1.15 30.14 -8.98
C GLU A 701 -2.60 29.93 -8.54
N THR A 702 -2.98 28.71 -8.16
CA THR A 702 -4.32 28.43 -7.58
C THR A 702 -4.45 29.07 -6.20
N LEU A 703 -3.35 29.45 -5.55
CA LEU A 703 -3.41 30.11 -4.22
C LEU A 703 -3.30 31.64 -4.36
N SER A 704 -3.06 32.12 -5.58
CA SER A 704 -3.10 33.57 -5.91
C SER A 704 -4.51 34.10 -5.70
N GLU A 705 -4.64 35.40 -5.57
CA GLU A 705 -5.95 36.09 -5.59
C GLU A 705 -6.67 35.66 -6.87
N VAL A 706 -7.95 35.33 -6.76
CA VAL A 706 -8.76 34.63 -7.80
C VAL A 706 -9.05 35.58 -8.96
N ALA A 707 -9.03 36.88 -8.73
CA ALA A 707 -9.37 37.86 -9.78
C ALA A 707 -8.68 39.18 -9.45
#